data_6TQ4
#
_entry.id   6TQ4
#
_cell.length_a   59.339
_cell.length_b   145.892
_cell.length_c   71.341
_cell.angle_alpha   90.000
_cell.angle_beta   112.330
_cell.angle_gamma   90.000
#
_symmetry.space_group_name_H-M   'P 1 21 1'
#
loop_
_entity.id
_entity.type
_entity.pdbx_description
1 polymer 'Orexin receptor type 1'
2 non-polymer 2-[1-(phenylsulfonyl)-1,8-diazaspiro[4.5]decan-8-yl]-1,3-benzoxazole
3 non-polymer 'SULFATE ION'
4 non-polymer '(1R)-2-{[(S)-{[(2S)-2,3-dihydroxypropyl]oxy}(hydroxy)phosphoryl]oxy}-1-[(hexadecanoyloxy)methyl]ethyl (9Z)-octadec-9-enoate'
5 non-polymer 'octyl 1-thio-beta-D-glucopyranoside'
6 non-polymer 'SODIUM ION'
7 water water
#
_entity_poly.entity_id   1
_entity_poly.type   'polypeptide(L)'
_entity_poly.pdbx_seq_one_letter_code
;AASEDEFLRYLWRDYLYPKQYAWVLIAAYVAVFVVALVGNTLVCLAVWRNHHMRTVTNYFLVNLSLADVLATAICLPASL
LVDITESWLFGHALCKVIPYLQAVSVSVAVLTLSFIALDRWYAICHPLLFKSTARRALGSILGIWAVSLAIMVPQAAVME
CSSVLPELAARTRAFSVCDERWADDLAPKIYHSCFFIVTYLAPLGLMAMAYFQIFRKLWGRQIPGTTSALVRNWKRPSDQ
LGDLEQGLSGEPQPRARAFLAEVKQMRARRKTAKMLMVVVLVFALCYLPISVLNVLKRVFGMFRQASDREAVYAAFTFSH
WLVYANSAANPIIYNFLSGKFREQFKAAFSWWLPGLAAAHHHHHHHHH
;
_entity_poly.pdbx_strand_id   A,B
#
loop_
_chem_comp.id
_chem_comp.type
_chem_comp.name
_chem_comp.formula
NA non-polymer 'SODIUM ION' 'Na 1'
NV8 non-polymer 2-[1-(phenylsulfonyl)-1,8-diazaspiro[4.5]decan-8-yl]-1,3-benzoxazole 'C21 H23 N3 O3 S'
PGW non-polymer '(1R)-2-{[(S)-{[(2S)-2,3-dihydroxypropyl]oxy}(hydroxy)phosphoryl]oxy}-1-[(hexadecanoyloxy)methyl]ethyl (9Z)-octadec-9-enoate' 'C40 H77 O10 P'
SO4 non-polymer 'SULFATE ION' 'O4 S -2'
SOG D-saccharide 'octyl 1-thio-beta-D-glucopyranoside' 'C14 H28 O5 S'
#
# COMPACT_ATOMS: atom_id res chain seq x y z
N ALA A 2 9.68 -33.93 -54.43
CA ALA A 2 9.27 -35.17 -53.80
C ALA A 2 8.82 -34.94 -52.36
N SER A 3 9.75 -34.55 -51.49
CA SER A 3 9.45 -34.28 -50.08
C SER A 3 8.92 -32.85 -49.92
N GLU A 4 7.82 -32.58 -50.63
CA GLU A 4 7.24 -31.24 -50.57
C GLU A 4 6.71 -30.91 -49.18
N ASP A 5 6.20 -31.90 -48.45
CA ASP A 5 5.63 -31.62 -47.14
C ASP A 5 6.70 -31.18 -46.14
N GLU A 6 7.90 -31.79 -46.22
CA GLU A 6 8.98 -31.36 -45.34
C GLU A 6 9.43 -29.94 -45.69
N PHE A 7 9.46 -29.62 -46.98
CA PHE A 7 9.80 -28.27 -47.39
C PHE A 7 8.77 -27.28 -46.88
N LEU A 8 7.49 -27.65 -46.90
CA LEU A 8 6.45 -26.75 -46.41
C LEU A 8 6.55 -26.57 -44.90
N ARG A 9 6.89 -27.64 -44.17
CA ARG A 9 7.07 -27.49 -42.73
C ARG A 9 8.22 -26.55 -42.42
N TYR A 10 9.34 -26.70 -43.13
CA TYR A 10 10.47 -25.81 -42.88
C TYR A 10 10.17 -24.38 -43.33
N LEU A 11 9.40 -24.20 -44.40
CA LEU A 11 9.00 -22.86 -44.81
C LEU A 11 8.09 -22.22 -43.76
N TRP A 12 7.25 -23.02 -43.12
CA TRP A 12 6.40 -22.47 -42.06
C TRP A 12 7.22 -22.06 -40.85
N ARG A 13 8.12 -22.94 -40.41
CA ARG A 13 8.91 -22.64 -39.22
C ARG A 13 9.87 -21.48 -39.46
N ASP A 14 10.53 -21.45 -40.62
CA ASP A 14 11.63 -20.52 -40.86
C ASP A 14 11.19 -19.18 -41.43
N TYR A 15 10.00 -19.08 -42.00
CA TYR A 15 9.60 -17.82 -42.62
C TYR A 15 8.15 -17.47 -42.34
N LEU A 16 7.22 -18.37 -42.66
CA LEU A 16 5.80 -18.03 -42.56
C LEU A 16 5.40 -17.73 -41.12
N TYR A 17 5.68 -18.66 -40.20
CA TYR A 17 5.29 -18.44 -38.82
C TYR A 17 5.95 -17.22 -38.20
N PRO A 18 7.27 -17.02 -38.28
CA PRO A 18 7.85 -15.80 -37.70
C PRO A 18 7.30 -14.52 -38.29
N LYS A 19 6.98 -14.54 -39.60
CA LYS A 19 6.45 -13.34 -40.23
C LYS A 19 5.05 -13.03 -39.70
N GLN A 20 4.19 -14.05 -39.60
CA GLN A 20 2.86 -13.83 -39.04
C GLN A 20 2.93 -13.42 -37.58
N TYR A 21 3.89 -13.98 -36.84
CA TYR A 21 4.03 -13.65 -35.43
C TYR A 21 4.40 -12.18 -35.26
N ALA A 22 5.40 -11.72 -36.03
CA ALA A 22 5.78 -10.31 -35.95
C ALA A 22 4.65 -9.41 -36.41
N TRP A 23 3.89 -9.83 -37.41
CA TRP A 23 2.80 -8.98 -37.88
C TRP A 23 1.74 -8.82 -36.80
N VAL A 24 1.29 -9.93 -36.20
CA VAL A 24 0.27 -9.84 -35.17
C VAL A 24 0.79 -9.04 -33.98
N LEU A 25 2.07 -9.21 -33.64
CA LEU A 25 2.62 -8.52 -32.49
C LEU A 25 2.62 -7.01 -32.72
N ILE A 26 3.20 -6.57 -33.83
CA ILE A 26 3.29 -5.13 -34.10
C ILE A 26 1.91 -4.52 -34.28
N ALA A 27 0.98 -5.27 -34.88
CA ALA A 27 -0.35 -4.73 -35.09
C ALA A 27 -1.10 -4.58 -33.77
N ALA A 28 -1.01 -5.58 -32.89
CA ALA A 28 -1.67 -5.47 -31.60
C ALA A 28 -1.11 -4.32 -30.79
N TYR A 29 0.22 -4.15 -30.81
CA TYR A 29 0.81 -3.05 -30.05
C TYR A 29 0.42 -1.70 -30.62
N VAL A 30 0.45 -1.54 -31.95
CA VAL A 30 0.13 -0.24 -32.54
C VAL A 30 -1.34 0.11 -32.32
N ALA A 31 -2.22 -0.89 -32.43
CA ALA A 31 -3.64 -0.62 -32.22
C ALA A 31 -3.89 -0.20 -30.78
N VAL A 32 -3.30 -0.93 -29.83
CA VAL A 32 -3.48 -0.55 -28.43
C VAL A 32 -2.88 0.82 -28.18
N PHE A 33 -1.78 1.15 -28.85
CA PHE A 33 -1.12 2.44 -28.64
C PHE A 33 -2.03 3.59 -29.05
N VAL A 34 -2.53 3.55 -30.28
CA VAL A 34 -3.35 4.66 -30.75
C VAL A 34 -4.67 4.72 -30.00
N VAL A 35 -5.30 3.56 -29.76
CA VAL A 35 -6.58 3.57 -29.08
C VAL A 35 -6.44 4.11 -27.66
N ALA A 36 -5.36 3.73 -26.96
CA ALA A 36 -5.18 4.20 -25.60
C ALA A 36 -4.92 5.70 -25.59
N LEU A 37 -4.01 6.17 -26.45
CA LEU A 37 -3.73 7.61 -26.46
C LEU A 37 -5.01 8.40 -26.72
N VAL A 38 -5.75 8.04 -27.77
CA VAL A 38 -6.91 8.81 -28.15
C VAL A 38 -7.99 8.74 -27.08
N GLY A 39 -8.29 7.53 -26.58
CA GLY A 39 -9.39 7.39 -25.65
C GLY A 39 -9.12 8.02 -24.30
N ASN A 40 -7.87 7.95 -23.83
CA ASN A 40 -7.57 8.58 -22.56
C ASN A 40 -7.54 10.10 -22.70
N THR A 41 -7.01 10.61 -23.82
CA THR A 41 -7.10 12.04 -24.04
C THR A 41 -8.54 12.48 -24.10
N LEU A 42 -9.42 11.64 -24.66
CA LEU A 42 -10.85 11.97 -24.70
C LEU A 42 -11.47 11.92 -23.31
N VAL A 43 -11.03 11.02 -22.44
CA VAL A 43 -11.57 10.99 -21.09
C VAL A 43 -11.27 12.31 -20.39
N CYS A 44 -10.02 12.75 -20.49
CA CYS A 44 -9.65 14.03 -19.87
C CYS A 44 -10.41 15.19 -20.49
N LEU A 45 -10.53 15.21 -21.82
CA LEU A 45 -11.26 16.29 -22.48
C LEU A 45 -12.73 16.29 -22.09
N ALA A 46 -13.31 15.10 -21.92
CA ALA A 46 -14.72 15.01 -21.60
C ALA A 46 -15.01 15.63 -20.25
N VAL A 47 -14.18 15.31 -19.26
CA VAL A 47 -14.44 15.92 -17.96
C VAL A 47 -13.95 17.37 -17.89
N TRP A 48 -13.09 17.81 -18.81
CA TRP A 48 -12.68 19.23 -18.78
C TRP A 48 -13.70 20.14 -19.46
N ARG A 49 -14.36 19.68 -20.53
CA ARG A 49 -15.37 20.50 -21.18
C ARG A 49 -16.70 20.46 -20.43
N ASN A 50 -17.11 19.28 -19.98
CA ASN A 50 -18.40 19.09 -19.33
C ASN A 50 -18.22 19.29 -17.83
N HIS A 51 -18.65 20.45 -17.34
CA HIS A 51 -18.49 20.75 -15.92
C HIS A 51 -19.34 19.84 -15.04
N HIS A 52 -20.43 19.30 -15.58
CA HIS A 52 -21.31 18.46 -14.78
C HIS A 52 -20.76 17.05 -14.55
N MET A 53 -19.72 16.66 -15.28
CA MET A 53 -19.06 15.38 -15.06
C MET A 53 -17.91 15.46 -14.06
N ARG A 54 -17.67 16.63 -13.45
CA ARG A 54 -16.52 16.82 -12.57
C ARG A 54 -16.84 16.31 -11.16
N THR A 55 -17.02 15.00 -11.07
CA THR A 55 -17.27 14.31 -9.81
C THR A 55 -15.98 13.69 -9.28
N VAL A 56 -16.02 13.28 -8.01
CA VAL A 56 -14.85 12.66 -7.40
C VAL A 56 -14.43 11.43 -8.20
N THR A 57 -15.40 10.59 -8.58
CA THR A 57 -15.06 9.38 -9.31
C THR A 57 -14.41 9.71 -10.66
N ASN A 58 -15.00 10.66 -11.40
CA ASN A 58 -14.43 11.02 -12.69
C ASN A 58 -13.08 11.70 -12.55
N TYR A 59 -12.84 12.42 -11.45
CA TYR A 59 -11.50 12.97 -11.23
C TYR A 59 -10.49 11.84 -11.06
N PHE A 60 -10.85 10.83 -10.27
CA PHE A 60 -9.93 9.70 -10.13
C PHE A 60 -9.76 8.96 -11.46
N LEU A 61 -10.82 8.86 -12.25
CA LEU A 61 -10.69 8.19 -13.55
C LEU A 61 -9.79 8.98 -14.48
N VAL A 62 -9.81 10.30 -14.38
CA VAL A 62 -8.88 11.12 -15.15
C VAL A 62 -7.45 10.85 -14.71
N ASN A 63 -7.24 10.68 -13.40
CA ASN A 63 -5.90 10.32 -12.95
C ASN A 63 -5.48 8.96 -13.49
N LEU A 64 -6.43 8.02 -13.54
CA LEU A 64 -6.12 6.69 -14.08
C LEU A 64 -5.75 6.80 -15.56
N SER A 65 -6.42 7.68 -16.29
CA SER A 65 -6.07 7.93 -17.68
C SER A 65 -4.70 8.58 -17.81
N LEU A 66 -4.31 9.42 -16.84
CA LEU A 66 -2.98 10.01 -16.88
C LEU A 66 -1.91 8.93 -16.70
N ALA A 67 -2.14 8.01 -15.76
CA ALA A 67 -1.18 6.93 -15.56
C ALA A 67 -1.12 6.01 -16.78
N ASP A 68 -2.29 5.73 -17.38
CA ASP A 68 -2.31 4.91 -18.60
C ASP A 68 -1.61 5.62 -19.76
N VAL A 69 -1.74 6.94 -19.86
CA VAL A 69 -1.06 7.67 -20.92
C VAL A 69 0.45 7.67 -20.69
N LEU A 70 0.88 7.79 -19.44
CA LEU A 70 2.31 7.68 -19.16
C LEU A 70 2.85 6.35 -19.66
N ALA A 71 2.19 5.26 -19.25
CA ALA A 71 2.63 3.94 -19.70
C ALA A 71 2.61 3.84 -21.21
N THR A 72 1.47 4.20 -21.82
CA THR A 72 1.29 4.00 -23.25
C THR A 72 2.29 4.80 -24.08
N ALA A 73 2.58 6.03 -23.67
CA ALA A 73 3.42 6.88 -24.48
C ALA A 73 4.89 6.55 -24.31
N ILE A 74 5.34 6.31 -23.09
CA ILE A 74 6.76 6.12 -22.83
C ILE A 74 7.16 4.65 -22.84
N CYS A 75 6.45 3.81 -22.09
CA CYS A 75 6.90 2.44 -21.90
C CYS A 75 6.44 1.50 -23.01
N LEU A 76 5.27 1.72 -23.60
CA LEU A 76 4.75 0.79 -24.59
C LEU A 76 5.70 0.61 -25.78
N PRO A 77 6.21 1.66 -26.42
CA PRO A 77 7.17 1.44 -27.51
C PRO A 77 8.41 0.68 -27.08
N ALA A 78 8.89 0.92 -25.85
CA ALA A 78 10.07 0.20 -25.37
C ALA A 78 9.74 -1.27 -25.14
N SER A 79 8.57 -1.55 -24.56
CA SER A 79 8.17 -2.94 -24.35
C SER A 79 8.01 -3.66 -25.69
N LEU A 80 7.50 -2.97 -26.71
CA LEU A 80 7.39 -3.57 -28.03
C LEU A 80 8.76 -3.91 -28.59
N LEU A 81 9.69 -2.95 -28.55
CA LEU A 81 11.00 -3.20 -29.11
C LEU A 81 11.74 -4.31 -28.37
N VAL A 82 11.54 -4.42 -27.05
CA VAL A 82 12.20 -5.47 -26.30
C VAL A 82 11.58 -6.84 -26.61
N ASP A 83 10.25 -6.90 -26.71
CA ASP A 83 9.61 -8.15 -27.10
C ASP A 83 9.97 -8.56 -28.52
N ILE A 84 10.44 -7.61 -29.34
CA ILE A 84 10.93 -7.97 -30.67
C ILE A 84 12.37 -8.47 -30.62
N THR A 85 13.28 -7.70 -30.02
CA THR A 85 14.70 -8.04 -30.09
C THR A 85 15.23 -8.76 -28.86
N GLU A 86 14.50 -8.77 -27.74
CA GLU A 86 15.01 -9.32 -26.49
C GLU A 86 16.36 -8.68 -26.12
N SER A 87 16.48 -7.38 -26.40
CA SER A 87 17.67 -6.61 -26.06
C SER A 87 17.25 -5.17 -25.83
N TRP A 88 18.16 -4.37 -25.27
CA TRP A 88 17.87 -3.00 -24.90
C TRP A 88 18.66 -2.06 -25.83
N LEU A 89 17.93 -1.18 -26.52
CA LEU A 89 18.52 -0.27 -27.48
C LEU A 89 18.37 1.21 -27.09
N PHE A 90 17.95 1.50 -25.86
CA PHE A 90 17.69 2.87 -25.44
C PHE A 90 18.74 3.45 -24.49
N GLY A 91 19.77 2.68 -24.13
CA GLY A 91 20.84 3.21 -23.32
C GLY A 91 20.65 3.04 -21.82
N HIS A 92 21.76 3.28 -21.10
CA HIS A 92 21.83 2.99 -19.67
C HIS A 92 20.86 3.83 -18.86
N ALA A 93 20.59 5.08 -19.27
CA ALA A 93 19.73 5.95 -18.47
C ALA A 93 18.26 5.60 -18.64
N LEU A 94 17.82 5.42 -19.88
CA LEU A 94 16.45 4.98 -20.10
C LEU A 94 16.21 3.59 -19.54
N CYS A 95 17.27 2.77 -19.41
CA CYS A 95 17.10 1.47 -18.76
C CYS A 95 16.58 1.62 -17.33
N LYS A 96 16.97 2.69 -16.63
CA LYS A 96 16.38 2.94 -15.32
C LYS A 96 15.05 3.68 -15.43
N VAL A 97 14.98 4.68 -16.31
CA VAL A 97 13.82 5.56 -16.31
C VAL A 97 12.56 4.82 -16.74
N ILE A 98 12.60 4.15 -17.90
CA ILE A 98 11.39 3.54 -18.44
C ILE A 98 10.80 2.48 -17.53
N PRO A 99 11.55 1.49 -17.05
CA PRO A 99 10.96 0.56 -16.07
C PRO A 99 10.46 1.26 -14.82
N TYR A 100 11.14 2.33 -14.41
CA TYR A 100 10.66 3.13 -13.28
C TYR A 100 9.30 3.73 -13.59
N LEU A 101 9.16 4.35 -14.76
CA LEU A 101 7.88 4.95 -15.11
C LEU A 101 6.79 3.91 -15.28
N GLN A 102 7.14 2.71 -15.75
CA GLN A 102 6.13 1.67 -15.87
C GLN A 102 5.63 1.24 -14.50
N ALA A 103 6.55 1.02 -13.56
CA ALA A 103 6.13 0.65 -12.21
C ALA A 103 5.34 1.77 -11.55
N VAL A 104 5.75 3.02 -11.76
CA VAL A 104 5.01 4.15 -11.19
C VAL A 104 3.62 4.22 -11.78
N SER A 105 3.49 3.90 -13.07
CA SER A 105 2.19 3.90 -13.70
C SER A 105 1.29 2.85 -13.09
N VAL A 106 1.83 1.65 -12.85
CA VAL A 106 1.02 0.60 -12.25
C VAL A 106 0.58 1.00 -10.85
N SER A 107 1.50 1.61 -10.09
CA SER A 107 1.17 1.98 -8.71
C SER A 107 0.11 3.07 -8.68
N VAL A 108 0.23 4.07 -9.54
CA VAL A 108 -0.80 5.11 -9.60
C VAL A 108 -2.13 4.52 -10.03
N ALA A 109 -2.10 3.52 -10.93
CA ALA A 109 -3.35 2.95 -11.40
C ALA A 109 -4.08 2.21 -10.29
N VAL A 110 -3.37 1.30 -9.61
CA VAL A 110 -4.04 0.51 -8.58
C VAL A 110 -4.40 1.37 -7.37
N LEU A 111 -3.57 2.37 -7.01
CA LEU A 111 -3.97 3.25 -5.91
C LEU A 111 -5.16 4.12 -6.28
N THR A 112 -5.27 4.55 -7.54
CA THR A 112 -6.44 5.32 -7.93
C THR A 112 -7.70 4.46 -7.86
N LEU A 113 -7.61 3.20 -8.31
CA LEU A 113 -8.76 2.31 -8.19
C LEU A 113 -9.11 2.07 -6.73
N SER A 114 -8.08 1.99 -5.87
CA SER A 114 -8.32 1.77 -4.46
C SER A 114 -9.07 2.93 -3.84
N PHE A 115 -8.63 4.16 -4.16
CA PHE A 115 -9.30 5.33 -3.60
C PHE A 115 -10.71 5.50 -4.17
N ILE A 116 -10.94 5.10 -5.42
CA ILE A 116 -12.32 5.12 -5.94
C ILE A 116 -13.18 4.15 -5.16
N ALA A 117 -12.66 2.95 -4.91
CA ALA A 117 -13.41 1.97 -4.13
C ALA A 117 -13.67 2.48 -2.72
N LEU A 118 -12.70 3.19 -2.15
CA LEU A 118 -12.85 3.72 -0.80
C LEU A 118 -13.92 4.80 -0.75
N ASP A 119 -13.89 5.71 -1.73
CA ASP A 119 -14.88 6.79 -1.77
C ASP A 119 -16.28 6.22 -1.95
N ARG A 120 -16.44 5.24 -2.84
CA ARG A 120 -17.74 4.62 -3.03
C ARG A 120 -18.17 3.84 -1.79
N TRP A 121 -17.23 3.17 -1.12
CA TRP A 121 -17.59 2.35 0.03
C TRP A 121 -18.06 3.22 1.19
N TYR A 122 -17.37 4.34 1.45
CA TYR A 122 -17.84 5.25 2.48
C TYR A 122 -19.11 5.99 2.06
N ALA A 123 -19.28 6.27 0.77
CA ALA A 123 -20.48 7.00 0.36
C ALA A 123 -21.73 6.14 0.46
N ILE A 124 -21.62 4.87 0.12
CA ILE A 124 -22.78 3.98 0.03
C ILE A 124 -22.97 3.14 1.29
N CYS A 125 -21.88 2.56 1.80
CA CYS A 125 -21.99 1.61 2.90
C CYS A 125 -21.87 2.26 4.28
N HIS A 126 -21.03 3.28 4.43
CA HIS A 126 -20.87 3.98 5.71
C HIS A 126 -20.86 5.48 5.47
N PRO A 127 -22.01 6.05 5.12
CA PRO A 127 -22.09 7.51 4.88
C PRO A 127 -21.96 8.33 6.15
N LEU A 128 -21.58 9.59 5.95
CA LEU A 128 -21.54 10.65 6.97
C LEU A 128 -20.38 10.52 7.93
N LEU A 129 -19.36 9.72 7.60
CA LEU A 129 -18.15 9.64 8.40
C LEU A 129 -17.05 10.54 7.86
N PHE A 130 -16.76 10.44 6.56
CA PHE A 130 -15.72 11.26 5.93
C PHE A 130 -16.34 11.99 4.75
N LYS A 131 -16.23 13.31 4.75
CA LYS A 131 -16.67 14.09 3.59
C LYS A 131 -15.75 13.82 2.41
N SER A 132 -16.35 13.66 1.23
CA SER A 132 -15.63 13.42 -0.01
C SER A 132 -15.99 14.55 -0.97
N THR A 133 -15.01 15.39 -1.29
CA THR A 133 -15.20 16.51 -2.20
C THR A 133 -14.17 16.43 -3.31
N ALA A 134 -14.48 17.08 -4.43
CA ALA A 134 -13.54 17.07 -5.56
C ALA A 134 -12.23 17.75 -5.19
N ARG A 135 -12.29 18.81 -4.39
CA ARG A 135 -11.06 19.51 -4.02
C ARG A 135 -10.17 18.64 -3.15
N ARG A 136 -10.76 17.83 -2.27
CA ARG A 136 -9.97 16.84 -1.53
C ARG A 136 -9.56 15.69 -2.42
N ALA A 137 -10.29 15.41 -3.50
CA ALA A 137 -9.85 14.44 -4.48
C ALA A 137 -8.57 14.89 -5.18
N LEU A 138 -8.41 16.20 -5.41
CA LEU A 138 -7.16 16.68 -5.98
C LEU A 138 -5.98 16.40 -5.05
N GLY A 139 -6.18 16.56 -3.74
CA GLY A 139 -5.11 16.28 -2.80
C GLY A 139 -4.82 14.80 -2.70
N SER A 140 -5.86 13.97 -2.77
CA SER A 140 -5.66 12.54 -2.79
C SER A 140 -4.87 12.13 -4.04
N ILE A 141 -5.14 12.77 -5.17
CA ILE A 141 -4.42 12.44 -6.40
C ILE A 141 -2.96 12.84 -6.30
N LEU A 142 -2.68 14.03 -5.76
CA LEU A 142 -1.31 14.46 -5.58
C LEU A 142 -0.56 13.53 -4.62
N GLY A 143 -1.23 13.09 -3.56
CA GLY A 143 -0.59 12.16 -2.64
C GLY A 143 -0.36 10.81 -3.26
N ILE A 144 -1.27 10.38 -4.14
CA ILE A 144 -1.08 9.14 -4.88
C ILE A 144 0.19 9.21 -5.71
N TRP A 145 0.36 10.31 -6.45
CA TRP A 145 1.56 10.44 -7.26
C TRP A 145 2.81 10.52 -6.39
N ALA A 146 2.71 11.18 -5.24
CA ALA A 146 3.88 11.28 -4.37
C ALA A 146 4.30 9.90 -3.86
N VAL A 147 3.33 9.13 -3.37
CA VAL A 147 3.64 7.80 -2.87
C VAL A 147 4.19 6.93 -3.98
N SER A 148 3.57 6.98 -5.16
CA SER A 148 3.99 6.10 -6.24
C SER A 148 5.40 6.44 -6.70
N LEU A 149 5.71 7.73 -6.87
CA LEU A 149 7.06 8.10 -7.28
C LEU A 149 8.07 7.69 -6.22
N ALA A 150 7.70 7.75 -4.95
CA ALA A 150 8.67 7.38 -3.92
C ALA A 150 8.93 5.87 -3.90
N ILE A 151 7.87 5.06 -3.83
CA ILE A 151 8.06 3.64 -3.53
C ILE A 151 8.63 2.84 -4.68
N MET A 152 8.65 3.38 -5.89
CA MET A 152 9.24 2.68 -7.03
C MET A 152 10.69 3.07 -7.27
N VAL A 153 11.28 3.89 -6.39
CA VAL A 153 12.71 4.20 -6.52
C VAL A 153 13.55 2.93 -6.43
N PRO A 154 13.31 1.99 -5.51
CA PRO A 154 14.15 0.77 -5.50
C PRO A 154 14.13 0.04 -6.82
N GLN A 155 12.98 0.07 -7.51
CA GLN A 155 12.88 -0.53 -8.83
C GLN A 155 13.86 0.11 -9.78
N ALA A 156 13.93 1.45 -9.77
CA ALA A 156 14.93 2.13 -10.59
C ALA A 156 16.35 1.82 -10.14
N ALA A 157 16.56 1.66 -8.83
CA ALA A 157 17.92 1.45 -8.33
C ALA A 157 18.49 0.11 -8.81
N VAL A 158 17.65 -0.92 -8.89
CA VAL A 158 18.19 -2.23 -9.29
C VAL A 158 18.37 -2.40 -10.78
N MET A 159 17.79 -1.52 -11.60
CA MET A 159 17.93 -1.67 -13.05
C MET A 159 19.36 -1.41 -13.48
N GLU A 160 19.87 -2.24 -14.39
CA GLU A 160 21.19 -2.02 -14.95
C GLU A 160 21.17 -2.50 -16.39
N CYS A 161 22.01 -1.86 -17.21
CA CYS A 161 22.13 -2.15 -18.64
C CYS A 161 23.56 -2.62 -18.88
N SER A 162 23.72 -3.92 -19.10
CA SER A 162 25.03 -4.54 -19.18
C SER A 162 25.26 -5.15 -20.55
N SER A 163 26.51 -5.08 -21.02
CA SER A 163 26.87 -5.64 -22.31
C SER A 163 26.85 -7.16 -22.26
N VAL A 164 26.56 -7.77 -23.40
CA VAL A 164 26.57 -9.23 -23.53
C VAL A 164 27.46 -9.64 -24.71
N PHE A 175 25.70 -6.98 -27.55
CA PHE A 175 24.49 -6.20 -27.35
C PHE A 175 24.19 -6.00 -25.87
N SER A 176 23.46 -4.93 -25.55
CA SER A 176 23.13 -4.62 -24.16
C SER A 176 21.83 -5.29 -23.74
N VAL A 177 21.75 -5.58 -22.45
CA VAL A 177 20.54 -6.12 -21.83
C VAL A 177 20.22 -5.28 -20.60
N CYS A 178 18.97 -4.84 -20.49
CA CYS A 178 18.50 -4.09 -19.34
C CYS A 178 17.69 -5.03 -18.45
N ASP A 179 18.13 -5.20 -17.21
CA ASP A 179 17.44 -6.08 -16.28
C ASP A 179 17.80 -5.70 -14.85
N GLU A 180 17.03 -6.24 -13.91
CA GLU A 180 17.31 -6.01 -12.51
C GLU A 180 18.63 -6.69 -12.13
N ARG A 181 19.44 -5.99 -11.33
CA ARG A 181 20.67 -6.54 -10.80
C ARG A 181 20.51 -6.71 -9.29
N TRP A 182 20.77 -7.93 -8.81
CA TRP A 182 20.59 -8.27 -7.41
C TRP A 182 21.89 -8.86 -6.87
N ALA A 183 22.32 -8.37 -5.72
CA ALA A 183 23.56 -8.85 -5.13
C ALA A 183 23.43 -10.22 -4.46
N ASP A 184 22.20 -10.70 -4.25
CA ASP A 184 21.99 -11.98 -3.58
C ASP A 184 20.67 -12.56 -4.06
N ASP A 185 20.48 -13.85 -3.80
CA ASP A 185 19.28 -14.55 -4.25
C ASP A 185 18.05 -14.28 -3.39
N LEU A 186 18.21 -13.80 -2.16
CA LEU A 186 17.05 -13.63 -1.29
C LEU A 186 16.31 -12.32 -1.56
N ALA A 187 17.07 -11.24 -1.80
CA ALA A 187 16.45 -9.93 -1.96
C ALA A 187 15.42 -9.89 -3.07
N PRO A 188 15.70 -10.38 -4.28
CA PRO A 188 14.65 -10.37 -5.32
C PRO A 188 13.41 -11.13 -4.92
N LYS A 189 13.56 -12.23 -4.18
CA LYS A 189 12.39 -12.99 -3.77
C LYS A 189 11.54 -12.18 -2.81
N ILE A 190 12.16 -11.56 -1.80
CA ILE A 190 11.39 -10.76 -0.87
C ILE A 190 10.77 -9.56 -1.58
N TYR A 191 11.54 -8.88 -2.43
CA TYR A 191 11.03 -7.67 -3.06
C TYR A 191 9.88 -7.97 -4.00
N HIS A 192 9.98 -9.05 -4.77
CA HIS A 192 8.92 -9.35 -5.72
C HIS A 192 7.69 -9.96 -5.03
N SER A 193 7.87 -10.66 -3.91
CA SER A 193 6.70 -11.01 -3.10
C SER A 193 5.97 -9.75 -2.64
N CYS A 194 6.72 -8.77 -2.11
CA CYS A 194 6.06 -7.54 -1.68
C CYS A 194 5.44 -6.79 -2.85
N PHE A 195 6.09 -6.82 -4.01
CA PHE A 195 5.56 -6.10 -5.17
C PHE A 195 4.23 -6.70 -5.62
N PHE A 196 4.16 -8.03 -5.67
CA PHE A 196 2.92 -8.67 -6.06
C PHE A 196 1.82 -8.37 -5.05
N ILE A 197 2.11 -8.52 -3.75
CA ILE A 197 1.05 -8.31 -2.78
C ILE A 197 0.60 -6.85 -2.73
N VAL A 198 1.50 -5.90 -2.96
CA VAL A 198 1.14 -4.50 -2.74
C VAL A 198 0.48 -3.89 -3.98
N THR A 199 1.01 -4.15 -5.17
CA THR A 199 0.42 -3.58 -6.37
C THR A 199 -0.70 -4.41 -6.96
N TYR A 200 -0.92 -5.63 -6.48
CA TYR A 200 -1.96 -6.45 -7.10
C TYR A 200 -2.89 -7.10 -6.08
N LEU A 201 -2.39 -8.11 -5.35
CA LEU A 201 -3.30 -8.99 -4.62
C LEU A 201 -4.07 -8.25 -3.54
N ALA A 202 -3.38 -7.55 -2.64
CA ALA A 202 -4.07 -6.90 -1.53
C ALA A 202 -5.05 -5.82 -1.98
N PRO A 203 -4.66 -4.82 -2.78
CA PRO A 203 -5.65 -3.81 -3.18
C PRO A 203 -6.81 -4.40 -3.96
N LEU A 204 -6.57 -5.41 -4.78
CA LEU A 204 -7.66 -5.96 -5.59
C LEU A 204 -8.59 -6.81 -4.74
N GLY A 205 -8.05 -7.56 -3.78
CA GLY A 205 -8.93 -8.30 -2.88
C GLY A 205 -9.75 -7.40 -1.98
N LEU A 206 -9.14 -6.31 -1.49
CA LEU A 206 -9.91 -5.37 -0.67
C LEU A 206 -10.96 -4.66 -1.51
N MET A 207 -10.63 -4.30 -2.76
CA MET A 207 -11.61 -3.68 -3.65
C MET A 207 -12.74 -4.65 -3.96
N ALA A 208 -12.43 -5.94 -4.09
CA ALA A 208 -13.48 -6.92 -4.36
C ALA A 208 -14.43 -6.99 -3.18
N MET A 209 -13.90 -7.04 -1.95
CA MET A 209 -14.80 -7.09 -0.81
C MET A 209 -15.61 -5.80 -0.69
N ALA A 210 -15.00 -4.66 -1.00
CA ALA A 210 -15.72 -3.38 -0.92
C ALA A 210 -16.84 -3.32 -1.93
N TYR A 211 -16.55 -3.68 -3.18
CA TYR A 211 -17.59 -3.65 -4.20
C TYR A 211 -18.65 -4.72 -3.97
N PHE A 212 -18.31 -5.83 -3.33
CA PHE A 212 -19.34 -6.79 -2.97
C PHE A 212 -20.30 -6.19 -1.95
N GLN A 213 -19.77 -5.47 -0.96
CA GLN A 213 -20.67 -4.81 -0.01
C GLN A 213 -21.50 -3.73 -0.71
N ILE A 214 -20.89 -3.01 -1.65
CA ILE A 214 -21.62 -1.98 -2.39
C ILE A 214 -22.74 -2.60 -3.20
N PHE A 215 -22.50 -3.80 -3.74
CA PHE A 215 -23.54 -4.49 -4.50
C PHE A 215 -24.67 -4.94 -3.59
N ARG A 216 -24.34 -5.45 -2.41
CA ARG A 216 -25.40 -5.83 -1.48
C ARG A 216 -26.22 -4.63 -1.05
N LYS A 217 -25.59 -3.46 -0.96
CA LYS A 217 -26.31 -2.26 -0.51
C LYS A 217 -27.17 -1.67 -1.62
N LEU A 218 -26.66 -1.63 -2.86
CA LEU A 218 -27.37 -0.94 -3.93
C LEU A 218 -28.48 -1.78 -4.53
N TRP A 219 -28.27 -3.09 -4.67
CA TRP A 219 -29.26 -3.96 -5.32
C TRP A 219 -30.00 -4.83 -4.32
N VAL A 263 -34.58 8.50 -4.77
CA VAL A 263 -34.07 7.26 -5.34
C VAL A 263 -33.44 7.50 -6.70
N LYS A 264 -33.52 8.73 -7.22
CA LYS A 264 -32.77 9.04 -8.42
C LYS A 264 -31.28 8.81 -8.17
N GLN A 265 -30.84 9.10 -6.95
CA GLN A 265 -29.45 8.89 -6.59
C GLN A 265 -29.10 7.41 -6.62
N MET A 266 -30.02 6.53 -6.21
CA MET A 266 -29.68 5.11 -6.22
C MET A 266 -29.53 4.60 -7.64
N ARG A 267 -30.34 5.10 -8.57
CA ARG A 267 -30.19 4.67 -9.96
C ARG A 267 -28.89 5.16 -10.56
N ALA A 268 -28.54 6.43 -10.30
CA ALA A 268 -27.27 6.93 -10.81
C ALA A 268 -26.09 6.18 -10.18
N ARG A 269 -26.19 5.85 -8.89
CA ARG A 269 -25.14 5.11 -8.22
C ARG A 269 -25.02 3.70 -8.76
N ARG A 270 -26.15 3.09 -9.13
CA ARG A 270 -26.08 1.75 -9.73
C ARG A 270 -25.34 1.80 -11.06
N LYS A 271 -25.65 2.80 -11.88
CA LYS A 271 -24.93 2.90 -13.15
C LYS A 271 -23.43 3.05 -12.92
N THR A 272 -23.05 4.00 -12.07
CA THR A 272 -21.62 4.26 -11.88
C THR A 272 -20.92 3.08 -11.21
N ALA A 273 -21.60 2.40 -10.28
CA ALA A 273 -20.97 1.28 -9.60
C ALA A 273 -20.80 0.08 -10.52
N LYS A 274 -21.78 -0.16 -11.41
CA LYS A 274 -21.61 -1.21 -12.40
C LYS A 274 -20.41 -0.93 -13.28
N MET A 275 -20.24 0.34 -13.67
CA MET A 275 -19.09 0.70 -14.50
C MET A 275 -17.78 0.46 -13.75
N LEU A 276 -17.71 0.92 -12.50
CA LEU A 276 -16.47 0.77 -11.74
C LEU A 276 -16.14 -0.68 -11.45
N MET A 277 -17.16 -1.52 -11.21
CA MET A 277 -16.88 -2.95 -11.02
C MET A 277 -16.33 -3.57 -12.29
N VAL A 278 -16.86 -3.18 -13.46
CA VAL A 278 -16.29 -3.70 -14.71
C VAL A 278 -14.84 -3.25 -14.84
N VAL A 279 -14.54 -2.01 -14.46
CA VAL A 279 -13.19 -1.51 -14.61
C VAL A 279 -12.23 -2.30 -13.74
N VAL A 280 -12.63 -2.57 -12.49
CA VAL A 280 -11.76 -3.30 -11.58
C VAL A 280 -11.55 -4.73 -12.06
N LEU A 281 -12.60 -5.35 -12.59
CA LEU A 281 -12.47 -6.73 -13.06
C LEU A 281 -11.52 -6.81 -14.26
N VAL A 282 -11.69 -5.90 -15.23
CA VAL A 282 -10.81 -5.93 -16.38
C VAL A 282 -9.39 -5.61 -15.97
N PHE A 283 -9.20 -4.76 -14.96
CA PHE A 283 -7.84 -4.51 -14.47
C PHE A 283 -7.23 -5.79 -13.91
N ALA A 284 -7.99 -6.48 -13.05
CA ALA A 284 -7.45 -7.70 -12.43
C ALA A 284 -7.11 -8.73 -13.48
N LEU A 285 -7.95 -8.83 -14.53
CA LEU A 285 -7.68 -9.82 -15.58
C LEU A 285 -6.46 -9.42 -16.41
N CYS A 286 -6.37 -8.16 -16.82
CA CYS A 286 -5.25 -7.73 -17.65
C CYS A 286 -3.93 -7.84 -16.92
N TYR A 287 -3.91 -7.66 -15.59
CA TYR A 287 -2.66 -7.67 -14.85
C TYR A 287 -2.35 -9.02 -14.19
N LEU A 288 -3.30 -9.96 -14.16
CA LEU A 288 -2.99 -11.26 -13.57
C LEU A 288 -1.84 -11.98 -14.26
N PRO A 289 -1.81 -12.12 -15.59
CA PRO A 289 -0.74 -12.94 -16.19
C PRO A 289 0.66 -12.42 -15.89
N ILE A 290 0.91 -11.13 -16.08
CA ILE A 290 2.27 -10.63 -15.86
C ILE A 290 2.63 -10.72 -14.38
N SER A 291 1.67 -10.46 -13.49
CA SER A 291 1.97 -10.53 -12.06
C SER A 291 2.33 -11.94 -11.63
N VAL A 292 1.57 -12.93 -12.12
CA VAL A 292 1.88 -14.32 -11.79
C VAL A 292 3.20 -14.76 -12.39
N LEU A 293 3.46 -14.36 -13.65
CA LEU A 293 4.70 -14.78 -14.29
C LEU A 293 5.90 -14.17 -13.59
N ASN A 294 5.77 -12.94 -13.09
CA ASN A 294 6.91 -12.36 -12.39
C ASN A 294 7.10 -12.96 -11.02
N VAL A 295 6.03 -13.34 -10.33
CA VAL A 295 6.23 -14.09 -9.10
C VAL A 295 6.93 -15.42 -9.39
N LEU A 296 6.50 -16.13 -10.43
CA LEU A 296 7.08 -17.43 -10.73
C LEU A 296 8.55 -17.29 -11.13
N LYS A 297 8.88 -16.24 -11.88
CA LYS A 297 10.25 -16.06 -12.31
C LYS A 297 11.14 -15.59 -11.15
N ARG A 298 10.72 -14.55 -10.44
CA ARG A 298 11.60 -13.93 -9.46
C ARG A 298 11.58 -14.63 -8.11
N VAL A 299 10.45 -15.22 -7.73
CA VAL A 299 10.33 -15.85 -6.42
C VAL A 299 10.53 -17.36 -6.49
N PHE A 300 10.09 -18.01 -7.56
CA PHE A 300 10.22 -19.46 -7.68
C PHE A 300 11.30 -19.91 -8.66
N GLY A 301 12.00 -18.97 -9.31
CA GLY A 301 13.13 -19.37 -10.11
C GLY A 301 12.77 -20.14 -11.36
N MET A 302 11.56 -19.95 -11.86
CA MET A 302 11.11 -20.64 -13.06
C MET A 302 11.62 -19.96 -14.32
N PHE A 303 11.63 -20.71 -15.42
CA PHE A 303 11.99 -20.26 -16.76
C PHE A 303 13.47 -20.02 -16.94
N ARG A 304 14.30 -20.42 -15.97
CA ARG A 304 15.75 -20.31 -16.16
C ARG A 304 16.23 -21.20 -17.30
N GLN A 305 15.56 -22.33 -17.51
CA GLN A 305 15.92 -23.22 -18.60
C GLN A 305 15.46 -22.65 -19.94
N ALA A 306 16.14 -23.05 -21.00
CA ALA A 306 15.89 -22.53 -22.34
C ALA A 306 15.43 -23.65 -23.28
N SER A 307 14.65 -24.59 -22.76
CA SER A 307 14.19 -25.71 -23.60
C SER A 307 13.32 -25.19 -24.74
N ASP A 308 12.35 -24.33 -24.42
CA ASP A 308 11.53 -23.66 -25.43
C ASP A 308 11.54 -22.17 -25.09
N ARG A 309 12.68 -21.53 -25.34
CA ARG A 309 12.84 -20.13 -24.96
C ARG A 309 11.80 -19.26 -25.65
N GLU A 310 11.41 -19.63 -26.87
CA GLU A 310 10.37 -18.88 -27.57
C GLU A 310 9.02 -18.97 -26.85
N ALA A 311 8.74 -20.09 -26.18
CA ALA A 311 7.46 -20.17 -25.46
C ALA A 311 7.43 -19.20 -24.27
N VAL A 312 8.54 -19.11 -23.54
CA VAL A 312 8.63 -18.12 -22.47
C VAL A 312 8.52 -16.71 -23.02
N TYR A 313 9.18 -16.46 -24.17
CA TYR A 313 9.11 -15.13 -24.76
C TYR A 313 7.68 -14.78 -25.18
N ALA A 314 6.95 -15.75 -25.74
CA ALA A 314 5.58 -15.49 -26.17
C ALA A 314 4.66 -15.25 -24.97
N ALA A 315 4.85 -16.01 -23.88
CA ALA A 315 4.00 -15.81 -22.72
C ALA A 315 4.24 -14.43 -22.11
N PHE A 316 5.51 -14.07 -21.89
CA PHE A 316 5.80 -12.77 -21.33
C PHE A 316 5.39 -11.64 -22.26
N THR A 317 5.50 -11.83 -23.57
CA THR A 317 5.10 -10.80 -24.52
C THR A 317 3.60 -10.56 -24.48
N PHE A 318 2.82 -11.64 -24.45
CA PHE A 318 1.37 -11.46 -24.35
C PHE A 318 0.99 -10.79 -23.03
N SER A 319 1.71 -11.09 -21.95
CA SER A 319 1.37 -10.45 -20.66
C SER A 319 1.67 -8.95 -20.69
N HIS A 320 2.83 -8.56 -21.22
CA HIS A 320 3.13 -7.15 -21.39
C HIS A 320 2.04 -6.47 -22.23
N TRP A 321 1.67 -7.11 -23.35
CA TRP A 321 0.66 -6.50 -24.19
C TRP A 321 -0.67 -6.39 -23.47
N LEU A 322 -1.00 -7.33 -22.58
CA LEU A 322 -2.25 -7.21 -21.85
C LEU A 322 -2.22 -5.99 -20.93
N VAL A 323 -1.07 -5.74 -20.30
CA VAL A 323 -0.96 -4.54 -19.47
C VAL A 323 -1.25 -3.30 -20.31
N TYR A 324 -0.63 -3.21 -21.48
CA TYR A 324 -0.90 -2.03 -22.30
C TYR A 324 -2.32 -2.00 -22.85
N ALA A 325 -2.92 -3.16 -23.08
CA ALA A 325 -4.29 -3.23 -23.59
C ALA A 325 -5.29 -2.71 -22.57
N ASN A 326 -4.97 -2.79 -21.29
CA ASN A 326 -5.90 -2.26 -20.28
C ASN A 326 -6.12 -0.76 -20.46
N SER A 327 -5.07 -0.02 -20.85
CA SER A 327 -5.20 1.42 -21.07
C SER A 327 -6.13 1.72 -22.23
N ALA A 328 -6.12 0.89 -23.27
CA ALA A 328 -7.09 1.05 -24.36
C ALA A 328 -8.48 0.61 -23.94
N ALA A 329 -8.57 -0.37 -23.03
CA ALA A 329 -9.87 -0.90 -22.64
C ALA A 329 -10.66 0.11 -21.82
N ASN A 330 -10.02 0.83 -20.92
CA ASN A 330 -10.77 1.66 -19.98
C ASN A 330 -11.66 2.68 -20.66
N PRO A 331 -11.17 3.51 -21.59
CA PRO A 331 -12.07 4.47 -22.25
C PRO A 331 -13.22 3.80 -22.97
N ILE A 332 -13.01 2.63 -23.56
CA ILE A 332 -14.11 1.93 -24.21
C ILE A 332 -15.16 1.52 -23.18
N ILE A 333 -14.71 1.17 -21.97
CA ILE A 333 -15.63 0.81 -20.91
C ILE A 333 -16.47 2.02 -20.51
N TYR A 334 -15.84 3.18 -20.39
CA TYR A 334 -16.64 4.37 -20.11
C TYR A 334 -17.59 4.70 -21.24
N ASN A 335 -17.17 4.46 -22.49
CA ASN A 335 -18.02 4.77 -23.62
C ASN A 335 -19.27 3.92 -23.65
N PHE A 336 -19.19 2.68 -23.19
CA PHE A 336 -20.38 1.83 -23.22
C PHE A 336 -21.17 1.81 -21.91
N LEU A 337 -20.55 2.11 -20.77
CA LEU A 337 -21.24 2.05 -19.49
C LEU A 337 -21.50 3.42 -18.86
N SER A 338 -21.19 4.51 -19.56
CA SER A 338 -21.48 5.86 -19.07
C SER A 338 -22.08 6.66 -20.22
N GLY A 339 -23.34 7.08 -20.07
CA GLY A 339 -23.96 7.87 -21.13
C GLY A 339 -23.30 9.23 -21.30
N LYS A 340 -22.76 9.79 -20.22
CA LYS A 340 -22.13 11.11 -20.30
C LYS A 340 -20.78 11.03 -21.03
N PHE A 341 -19.94 10.05 -20.66
CA PHE A 341 -18.72 9.85 -21.42
C PHE A 341 -19.02 9.52 -22.86
N ARG A 342 -20.07 8.72 -23.10
CA ARG A 342 -20.42 8.36 -24.47
C ARG A 342 -20.84 9.56 -25.27
N GLU A 343 -21.56 10.50 -24.64
CA GLU A 343 -21.96 11.72 -25.34
C GLU A 343 -20.75 12.56 -25.69
N GLN A 344 -19.83 12.75 -24.75
CA GLN A 344 -18.66 13.56 -25.06
C GLN A 344 -17.79 12.90 -26.12
N PHE A 345 -17.69 11.56 -26.10
CA PHE A 345 -16.93 10.87 -27.14
C PHE A 345 -17.61 11.00 -28.50
N LYS A 346 -18.94 11.00 -28.54
CA LYS A 346 -19.65 11.22 -29.79
C LYS A 346 -19.39 12.62 -30.32
N ALA A 347 -19.35 13.60 -29.42
CA ALA A 347 -19.03 14.96 -29.84
C ALA A 347 -17.59 15.05 -30.36
N ALA A 348 -16.68 14.27 -29.78
CA ALA A 348 -15.30 14.27 -30.26
C ALA A 348 -15.20 13.67 -31.65
N PHE A 349 -15.83 12.51 -31.86
CA PHE A 349 -15.76 11.87 -33.17
C PHE A 349 -16.49 12.69 -34.24
N SER A 350 -17.57 13.39 -33.87
CA SER A 350 -18.27 14.21 -34.85
C SER A 350 -17.41 15.40 -35.29
N TRP A 351 -16.55 15.91 -34.42
CA TRP A 351 -15.70 17.05 -34.75
C TRP A 351 -14.51 16.60 -35.60
N TYR B 21 5.30 -15.79 37.18
CA TYR B 21 5.24 -15.13 35.87
C TYR B 21 4.01 -14.22 35.78
N ALA B 22 2.94 -14.61 36.46
CA ALA B 22 1.69 -13.85 36.35
C ALA B 22 1.81 -12.45 36.96
N TRP B 23 2.47 -12.34 38.12
CA TRP B 23 2.60 -11.05 38.76
C TRP B 23 3.43 -10.10 37.91
N VAL B 24 4.52 -10.60 37.31
CA VAL B 24 5.33 -9.77 36.44
C VAL B 24 4.54 -9.32 35.24
N LEU B 25 3.64 -10.17 34.74
CA LEU B 25 2.84 -9.80 33.59
C LEU B 25 1.87 -8.68 33.93
N ILE B 26 1.17 -8.80 35.06
CA ILE B 26 0.24 -7.75 35.45
C ILE B 26 0.97 -6.45 35.70
N ALA B 27 2.15 -6.53 36.33
CA ALA B 27 2.89 -5.31 36.64
C ALA B 27 3.39 -4.64 35.37
N ALA B 28 3.90 -5.43 34.41
CA ALA B 28 4.37 -4.83 33.16
C ALA B 28 3.23 -4.21 32.38
N TYR B 29 2.06 -4.85 32.37
CA TYR B 29 0.92 -4.29 31.66
C TYR B 29 0.45 -2.99 32.32
N VAL B 30 0.40 -2.95 33.65
CA VAL B 30 -0.09 -1.75 34.32
C VAL B 30 0.90 -0.60 34.16
N ALA B 31 2.21 -0.90 34.24
CA ALA B 31 3.19 0.16 34.04
C ALA B 31 3.13 0.70 32.62
N VAL B 32 3.01 -0.19 31.63
CA VAL B 32 2.90 0.28 30.25
C VAL B 32 1.62 1.08 30.05
N PHE B 33 0.55 0.67 30.73
CA PHE B 33 -0.73 1.37 30.60
C PHE B 33 -0.62 2.80 31.10
N VAL B 34 -0.13 2.97 32.33
CA VAL B 34 -0.03 4.30 32.91
C VAL B 34 0.94 5.16 32.12
N VAL B 35 2.11 4.61 31.79
CA VAL B 35 3.13 5.40 31.10
C VAL B 35 2.64 5.81 29.72
N ALA B 36 2.00 4.89 28.99
CA ALA B 36 1.55 5.23 27.64
C ALA B 36 0.45 6.27 27.68
N LEU B 37 -0.53 6.11 28.58
CA LEU B 37 -1.59 7.11 28.65
C LEU B 37 -1.02 8.49 28.96
N VAL B 38 -0.21 8.59 30.03
CA VAL B 38 0.29 9.88 30.46
C VAL B 38 1.19 10.49 29.38
N GLY B 39 2.08 9.69 28.79
CA GLY B 39 3.04 10.24 27.85
C GLY B 39 2.40 10.67 26.55
N ASN B 40 1.42 9.92 26.07
CA ASN B 40 0.80 10.33 24.81
C ASN B 40 -0.15 11.51 25.02
N THR B 41 -0.82 11.59 26.17
CA THR B 41 -1.57 12.81 26.45
C THR B 41 -0.63 14.01 26.55
N LEU B 42 0.56 13.81 27.11
CA LEU B 42 1.53 14.91 27.17
C LEU B 42 2.04 15.28 25.79
N VAL B 43 2.16 14.32 24.88
CA VAL B 43 2.57 14.65 23.51
C VAL B 43 1.54 15.55 22.86
N CYS B 44 0.26 15.20 23.01
CA CYS B 44 -0.79 16.05 22.44
C CYS B 44 -0.80 17.42 23.10
N LEU B 45 -0.64 17.46 24.43
CA LEU B 45 -0.64 18.75 25.12
C LEU B 45 0.54 19.61 24.72
N ALA B 46 1.68 18.97 24.44
CA ALA B 46 2.88 19.73 24.05
C ALA B 46 2.68 20.37 22.69
N VAL B 47 2.20 19.60 21.71
CA VAL B 47 1.98 20.21 20.41
C VAL B 47 0.89 21.28 20.46
N TRP B 48 -0.13 21.09 21.32
CA TRP B 48 -1.19 22.09 21.40
C TRP B 48 -0.71 23.38 22.06
N ARG B 49 0.11 23.26 23.11
CA ARG B 49 0.49 24.44 23.89
C ARG B 49 1.55 25.27 23.17
N ASN B 50 2.46 24.63 22.45
CA ASN B 50 3.58 25.30 21.79
C ASN B 50 3.29 25.43 20.31
N HIS B 51 2.99 26.66 19.86
CA HIS B 51 2.62 26.87 18.47
C HIS B 51 3.78 26.63 17.52
N HIS B 52 5.03 26.85 17.96
CA HIS B 52 6.17 26.61 17.07
C HIS B 52 6.40 25.13 16.79
N MET B 53 5.90 24.25 17.66
CA MET B 53 6.02 22.80 17.47
C MET B 53 5.00 22.24 16.50
N ARG B 54 4.08 23.06 15.99
CA ARG B 54 3.01 22.59 15.11
C ARG B 54 3.56 22.42 13.69
N THR B 55 4.45 21.44 13.54
CA THR B 55 5.03 21.06 12.25
C THR B 55 4.29 19.86 11.68
N VAL B 56 4.56 19.58 10.41
CA VAL B 56 3.99 18.40 9.77
C VAL B 56 4.37 17.13 10.54
N THR B 57 5.67 17.02 10.89
CA THR B 57 6.14 15.83 11.59
C THR B 57 5.45 15.68 12.94
N ASN B 58 5.36 16.77 13.69
CA ASN B 58 4.75 16.70 15.02
C ASN B 58 3.25 16.41 14.94
N TYR B 59 2.58 16.90 13.89
CA TYR B 59 1.16 16.55 13.72
C TYR B 59 1.01 15.05 13.46
N PHE B 60 1.87 14.49 12.61
CA PHE B 60 1.82 13.05 12.39
C PHE B 60 2.12 12.29 13.68
N LEU B 61 3.06 12.80 14.48
CA LEU B 61 3.37 12.12 15.74
C LEU B 61 2.21 12.19 16.72
N VAL B 62 1.44 13.28 16.69
CA VAL B 62 0.22 13.34 17.50
C VAL B 62 -0.78 12.29 17.03
N ASN B 63 -0.85 12.06 15.71
CA ASN B 63 -1.73 11.00 15.22
C ASN B 63 -1.25 9.64 15.70
N LEU B 64 0.07 9.44 15.75
CA LEU B 64 0.60 8.18 16.27
C LEU B 64 0.25 8.02 17.74
N SER B 65 0.26 9.13 18.49
CA SER B 65 -0.16 9.08 19.89
C SER B 65 -1.64 8.76 20.03
N LEU B 66 -2.47 9.25 19.11
CA LEU B 66 -3.90 8.90 19.18
C LEU B 66 -4.10 7.41 18.92
N ALA B 67 -3.39 6.85 17.94
CA ALA B 67 -3.49 5.41 17.70
C ALA B 67 -2.98 4.62 18.90
N ASP B 68 -1.88 5.09 19.52
CA ASP B 68 -1.35 4.40 20.69
C ASP B 68 -2.33 4.46 21.86
N VAL B 69 -3.02 5.59 22.03
CA VAL B 69 -3.99 5.69 23.12
C VAL B 69 -5.20 4.80 22.83
N LEU B 70 -5.59 4.69 21.57
CA LEU B 70 -6.69 3.79 21.23
C LEU B 70 -6.33 2.36 21.61
N ALA B 71 -5.13 1.92 21.21
CA ALA B 71 -4.72 0.56 21.57
C ALA B 71 -4.52 0.38 23.07
N THR B 72 -4.06 1.43 23.77
CA THR B 72 -3.71 1.30 25.18
C THR B 72 -4.94 1.28 26.07
N ALA B 73 -5.93 2.12 25.77
CA ALA B 73 -7.08 2.24 26.65
C ALA B 73 -8.06 1.09 26.48
N ILE B 74 -8.30 0.66 25.24
CA ILE B 74 -9.33 -0.33 24.93
C ILE B 74 -8.72 -1.72 24.80
N CYS B 75 -7.67 -1.86 23.99
CA CYS B 75 -7.17 -3.18 23.67
C CYS B 75 -6.28 -3.76 24.77
N LEU B 76 -5.46 -2.92 25.39
CA LEU B 76 -4.47 -3.43 26.35
C LEU B 76 -5.12 -4.18 27.50
N PRO B 77 -6.13 -3.65 28.19
CA PRO B 77 -6.75 -4.43 29.27
C PRO B 77 -7.31 -5.76 28.80
N ALA B 78 -7.89 -5.79 27.59
CA ALA B 78 -8.44 -7.03 27.07
C ALA B 78 -7.34 -8.05 26.82
N SER B 79 -6.24 -7.60 26.22
CA SER B 79 -5.11 -8.49 25.96
C SER B 79 -4.53 -9.01 27.26
N LEU B 80 -4.51 -8.18 28.30
CA LEU B 80 -4.01 -8.64 29.60
C LEU B 80 -4.90 -9.73 30.16
N LEU B 81 -6.21 -9.49 30.19
CA LEU B 81 -7.11 -10.48 30.76
C LEU B 81 -7.08 -11.78 29.96
N VAL B 82 -6.91 -11.70 28.65
CA VAL B 82 -6.86 -12.91 27.84
C VAL B 82 -5.57 -13.68 28.09
N ASP B 83 -4.44 -12.97 28.11
CA ASP B 83 -3.16 -13.64 28.32
C ASP B 83 -3.10 -14.29 29.70
N ILE B 84 -3.82 -13.74 30.68
CA ILE B 84 -3.80 -14.36 32.01
C ILE B 84 -4.78 -15.51 32.10
N THR B 85 -6.04 -15.28 31.73
CA THR B 85 -7.07 -16.31 31.88
C THR B 85 -7.14 -17.28 30.70
N GLU B 86 -6.48 -16.97 29.59
CA GLU B 86 -6.54 -17.81 28.39
C GLU B 86 -7.98 -18.06 27.94
N SER B 87 -8.87 -17.12 28.22
CA SER B 87 -10.27 -17.23 27.82
C SER B 87 -10.82 -15.83 27.54
N TRP B 88 -11.86 -15.77 26.72
CA TRP B 88 -12.51 -14.51 26.37
C TRP B 88 -13.77 -14.35 27.21
N LEU B 89 -13.83 -13.27 27.98
CA LEU B 89 -14.93 -13.03 28.91
C LEU B 89 -15.79 -11.82 28.55
N PHE B 90 -15.54 -11.18 27.40
CA PHE B 90 -16.21 -9.93 27.06
C PHE B 90 -17.41 -10.09 26.12
N GLY B 91 -17.75 -11.31 25.70
CA GLY B 91 -18.87 -11.52 24.80
C GLY B 91 -18.48 -11.40 23.33
N HIS B 92 -19.46 -11.68 22.47
CA HIS B 92 -19.19 -11.76 21.03
C HIS B 92 -18.90 -10.39 20.41
N ALA B 93 -19.69 -9.38 20.78
CA ALA B 93 -19.58 -8.08 20.14
C ALA B 93 -18.20 -7.48 20.35
N LEU B 94 -17.72 -7.49 21.60
CA LEU B 94 -16.37 -7.03 21.88
C LEU B 94 -15.32 -7.96 21.26
N CYS B 95 -15.64 -9.24 21.07
CA CYS B 95 -14.72 -10.13 20.37
C CYS B 95 -14.51 -9.67 18.93
N LYS B 96 -15.52 -9.05 18.31
CA LYS B 96 -15.24 -8.43 17.02
C LYS B 96 -14.59 -7.05 17.17
N VAL B 97 -15.08 -6.24 18.11
CA VAL B 97 -14.69 -4.84 18.14
C VAL B 97 -13.23 -4.68 18.56
N ILE B 98 -12.84 -5.29 19.67
CA ILE B 98 -11.51 -5.06 20.22
C ILE B 98 -10.41 -5.54 19.28
N PRO B 99 -10.45 -6.77 18.74
CA PRO B 99 -9.44 -7.13 17.75
C PRO B 99 -9.44 -6.21 16.54
N TYR B 100 -10.62 -5.74 16.15
CA TYR B 100 -10.72 -4.80 15.04
C TYR B 100 -10.01 -3.50 15.39
N LEU B 101 -10.28 -2.95 16.57
CA LEU B 101 -9.64 -1.69 16.94
C LEU B 101 -8.14 -1.86 17.09
N GLN B 102 -7.68 -3.04 17.51
CA GLN B 102 -6.24 -3.27 17.58
C GLN B 102 -5.62 -3.27 16.18
N ALA B 103 -6.24 -3.96 15.23
CA ALA B 103 -5.71 -3.96 13.88
C ALA B 103 -5.70 -2.56 13.28
N VAL B 104 -6.78 -1.80 13.54
CA VAL B 104 -6.86 -0.43 13.04
C VAL B 104 -5.76 0.42 13.67
N SER B 105 -5.48 0.20 14.95
CA SER B 105 -4.44 0.97 15.62
C SER B 105 -3.09 0.72 14.98
N VAL B 106 -2.81 -0.55 14.65
CA VAL B 106 -1.53 -0.86 14.02
C VAL B 106 -1.46 -0.23 12.63
N SER B 107 -2.56 -0.28 11.87
CA SER B 107 -2.53 0.29 10.53
C SER B 107 -2.32 1.79 10.58
N VAL B 108 -3.03 2.48 11.48
CA VAL B 108 -2.88 3.92 11.58
C VAL B 108 -1.46 4.28 11.97
N ALA B 109 -0.87 3.50 12.88
CA ALA B 109 0.47 3.84 13.35
C ALA B 109 1.50 3.67 12.24
N VAL B 110 1.49 2.51 11.57
CA VAL B 110 2.51 2.30 10.55
C VAL B 110 2.29 3.24 9.36
N LEU B 111 1.04 3.56 9.02
CA LEU B 111 0.81 4.50 7.93
C LEU B 111 1.24 5.91 8.30
N THR B 112 1.06 6.29 9.57
CA THR B 112 1.53 7.60 10.01
C THR B 112 3.04 7.68 9.92
N LEU B 113 3.73 6.62 10.34
CA LEU B 113 5.19 6.61 10.21
C LEU B 113 5.61 6.67 8.74
N SER B 114 4.89 5.96 7.88
CA SER B 114 5.22 6.00 6.46
C SER B 114 5.05 7.40 5.89
N PHE B 115 4.01 8.12 6.33
CA PHE B 115 3.81 9.46 5.80
C PHE B 115 4.82 10.45 6.37
N ILE B 116 5.25 10.25 7.62
CA ILE B 116 6.35 11.06 8.14
C ILE B 116 7.61 10.83 7.30
N ALA B 117 7.88 9.58 6.96
CA ALA B 117 9.06 9.27 6.15
C ALA B 117 8.94 9.88 4.77
N LEU B 118 7.73 9.84 4.18
CA LEU B 118 7.54 10.41 2.84
C LEU B 118 7.70 11.92 2.87
N ASP B 119 7.19 12.57 3.92
CA ASP B 119 7.33 14.01 4.04
C ASP B 119 8.79 14.41 4.21
N ARG B 120 9.52 13.71 5.09
CA ARG B 120 10.95 14.02 5.25
C ARG B 120 11.71 13.73 3.96
N TRP B 121 11.32 12.69 3.23
CA TRP B 121 12.06 12.28 2.05
C TRP B 121 11.90 13.29 0.93
N TYR B 122 10.66 13.74 0.68
CA TYR B 122 10.47 14.80 -0.31
C TYR B 122 11.06 16.13 0.17
N ALA B 123 11.07 16.39 1.49
CA ALA B 123 11.60 17.66 1.95
C ALA B 123 13.12 17.73 1.86
N ILE B 124 13.81 16.61 2.04
CA ILE B 124 15.26 16.61 2.17
C ILE B 124 15.95 16.12 0.89
N CYS B 125 15.40 15.06 0.29
CA CYS B 125 16.05 14.48 -0.90
C CYS B 125 15.49 15.03 -2.21
N HIS B 126 14.19 15.31 -2.27
CA HIS B 126 13.54 15.82 -3.51
C HIS B 126 12.70 17.04 -3.13
N PRO B 127 13.33 18.19 -2.87
CA PRO B 127 12.67 19.37 -2.30
C PRO B 127 11.50 20.15 -2.94
N LEU B 128 11.46 20.34 -4.25
CA LEU B 128 10.35 21.22 -4.73
C LEU B 128 9.22 20.48 -5.45
N LEU B 129 9.21 19.16 -5.45
CA LEU B 129 8.11 18.43 -6.14
C LEU B 129 6.74 18.60 -5.45
N PHE B 130 6.68 18.44 -4.12
CA PHE B 130 5.40 18.45 -3.43
C PHE B 130 5.45 19.36 -2.22
N LYS B 131 4.51 20.29 -2.12
CA LYS B 131 4.40 21.16 -0.96
C LYS B 131 3.76 20.41 0.21
N SER B 132 4.34 20.55 1.39
CA SER B 132 3.85 19.93 2.61
C SER B 132 3.48 21.02 3.60
N THR B 133 2.19 21.10 3.93
CA THR B 133 1.69 22.05 4.90
C THR B 133 0.94 21.31 6.00
N ALA B 134 0.84 21.94 7.17
CA ALA B 134 0.06 21.32 8.24
C ALA B 134 -1.40 21.14 7.83
N ARG B 135 -1.92 22.08 7.04
CA ARG B 135 -3.31 21.98 6.60
C ARG B 135 -3.54 20.74 5.74
N ARG B 136 -2.58 20.42 4.88
CA ARG B 136 -2.65 19.17 4.11
C ARG B 136 -2.30 17.95 4.96
N ALA B 137 -1.51 18.13 6.02
CA ALA B 137 -1.28 17.02 6.94
C ALA B 137 -2.55 16.60 7.65
N LEU B 138 -3.45 17.56 7.93
CA LEU B 138 -4.74 17.18 8.50
C LEU B 138 -5.53 16.28 7.57
N GLY B 139 -5.49 16.58 6.27
CA GLY B 139 -6.19 15.74 5.32
C GLY B 139 -5.54 14.38 5.18
N SER B 140 -4.21 14.34 5.23
CA SER B 140 -3.53 13.05 5.18
C SER B 140 -3.88 12.21 6.41
N ILE B 141 -4.03 12.84 7.57
CA ILE B 141 -4.36 12.09 8.79
C ILE B 141 -5.79 11.55 8.72
N LEU B 142 -6.73 12.38 8.23
CA LEU B 142 -8.09 11.90 8.07
C LEU B 142 -8.15 10.74 7.09
N GLY B 143 -7.36 10.83 6.00
CA GLY B 143 -7.34 9.73 5.04
C GLY B 143 -6.70 8.48 5.60
N ILE B 144 -5.71 8.64 6.49
CA ILE B 144 -5.11 7.49 7.12
C ILE B 144 -6.15 6.76 7.97
N TRP B 145 -6.95 7.52 8.72
CA TRP B 145 -7.99 6.87 9.52
C TRP B 145 -9.04 6.21 8.64
N ALA B 146 -9.40 6.86 7.52
CA ALA B 146 -10.41 6.28 6.65
C ALA B 146 -9.93 4.97 6.04
N VAL B 147 -8.70 4.96 5.54
CA VAL B 147 -8.14 3.74 4.95
C VAL B 147 -8.05 2.65 6.01
N SER B 148 -7.49 2.99 7.18
CA SER B 148 -7.28 1.98 8.21
C SER B 148 -8.60 1.40 8.68
N LEU B 149 -9.63 2.23 8.82
CA LEU B 149 -10.92 1.72 9.23
C LEU B 149 -11.52 0.81 8.17
N ALA B 150 -11.25 1.09 6.89
CA ALA B 150 -11.82 0.25 5.84
C ALA B 150 -11.11 -1.10 5.74
N ILE B 151 -9.78 -1.09 5.67
CA ILE B 151 -9.07 -2.31 5.31
C ILE B 151 -9.06 -3.35 6.42
N MET B 152 -9.40 -2.98 7.65
CA MET B 152 -9.43 -3.91 8.76
C MET B 152 -10.80 -4.53 9.01
N VAL B 153 -11.82 -4.14 8.23
CA VAL B 153 -13.13 -4.79 8.35
C VAL B 153 -13.01 -6.31 8.16
N PRO B 154 -12.27 -6.82 7.19
CA PRO B 154 -12.15 -8.29 7.06
C PRO B 154 -11.60 -8.93 8.33
N GLN B 155 -10.74 -8.22 9.07
CA GLN B 155 -10.28 -8.74 10.35
C GLN B 155 -11.45 -8.93 11.32
N ALA B 156 -12.37 -7.97 11.37
CA ALA B 156 -13.51 -8.09 12.27
C ALA B 156 -14.49 -9.15 11.80
N ALA B 157 -14.62 -9.36 10.49
CA ALA B 157 -15.58 -10.34 10.00
C ALA B 157 -15.20 -11.76 10.39
N VAL B 158 -13.91 -12.07 10.47
CA VAL B 158 -13.48 -13.44 10.78
C VAL B 158 -13.45 -13.73 12.27
N MET B 159 -13.59 -12.72 13.13
CA MET B 159 -13.55 -12.97 14.55
C MET B 159 -14.82 -13.67 15.00
N GLU B 160 -14.69 -14.75 15.74
CA GLU B 160 -15.82 -15.48 16.29
C GLU B 160 -15.45 -15.97 17.68
N CYS B 161 -16.47 -16.09 18.53
CA CYS B 161 -16.30 -16.46 19.93
C CYS B 161 -17.02 -17.78 20.15
N SER B 162 -16.27 -18.80 20.55
CA SER B 162 -16.83 -20.15 20.69
C SER B 162 -16.30 -20.80 21.95
N SER B 163 -17.08 -21.74 22.48
CA SER B 163 -16.75 -22.44 23.71
C SER B 163 -16.13 -23.80 23.42
N VAL B 164 -15.45 -24.35 24.42
CA VAL B 164 -14.77 -25.63 24.25
C VAL B 164 -15.76 -26.70 23.84
N LEU B 165 -17.00 -26.62 24.33
CA LEU B 165 -18.06 -27.53 23.96
C LEU B 165 -19.29 -26.74 23.55
N PRO B 166 -20.11 -27.29 22.65
CA PRO B 166 -21.07 -26.43 21.93
C PRO B 166 -22.06 -25.69 22.81
N GLU B 167 -22.57 -26.29 23.87
CA GLU B 167 -23.57 -25.64 24.72
C GLU B 167 -22.98 -25.08 26.00
N LEU B 168 -21.66 -25.19 26.16
CA LEU B 168 -21.03 -24.73 27.40
C LEU B 168 -21.21 -23.24 27.57
N ALA B 169 -21.23 -22.49 26.46
CA ALA B 169 -21.35 -21.04 26.54
C ALA B 169 -22.66 -20.61 27.16
N ALA B 170 -23.67 -21.48 27.14
CA ALA B 170 -24.95 -21.18 27.78
C ALA B 170 -24.83 -21.14 29.30
N ARG B 171 -23.71 -21.61 29.87
CA ARG B 171 -23.53 -21.62 31.32
C ARG B 171 -22.45 -20.68 31.81
N THR B 172 -21.38 -20.48 31.05
CA THR B 172 -20.27 -19.64 31.51
C THR B 172 -19.43 -19.23 30.31
N ARG B 173 -18.69 -18.13 30.49
CA ARG B 173 -17.70 -17.68 29.52
C ARG B 173 -16.29 -18.11 29.89
N ALA B 174 -16.13 -18.88 30.98
CA ALA B 174 -14.80 -19.24 31.46
C ALA B 174 -14.04 -20.08 30.45
N PHE B 175 -14.74 -20.78 29.55
CA PHE B 175 -14.11 -21.64 28.56
C PHE B 175 -14.31 -21.13 27.14
N SER B 176 -14.64 -19.85 26.97
CA SER B 176 -14.81 -19.25 25.66
C SER B 176 -13.48 -18.75 25.10
N VAL B 177 -13.41 -18.69 23.77
CA VAL B 177 -12.22 -18.22 23.07
C VAL B 177 -12.67 -17.34 21.91
N CYS B 178 -11.99 -16.21 21.75
CA CYS B 178 -12.20 -15.30 20.63
C CYS B 178 -11.06 -15.53 19.64
N ASP B 179 -11.38 -15.97 18.43
CA ASP B 179 -10.34 -16.22 17.45
C ASP B 179 -10.90 -16.13 16.06
N GLU B 180 -10.00 -16.09 15.09
CA GLU B 180 -10.40 -16.09 13.68
C GLU B 180 -10.98 -17.44 13.29
N ARG B 181 -12.07 -17.41 12.53
CA ARG B 181 -12.72 -18.62 12.04
C ARG B 181 -12.65 -18.63 10.52
N TRP B 182 -11.84 -19.53 9.98
CA TRP B 182 -11.61 -19.63 8.55
C TRP B 182 -12.34 -20.83 7.98
N ALA B 183 -12.96 -20.63 6.81
CA ALA B 183 -13.70 -21.71 6.15
C ALA B 183 -12.80 -22.71 5.45
N ASP B 184 -11.50 -22.41 5.29
CA ASP B 184 -10.58 -23.32 4.63
C ASP B 184 -9.16 -23.00 5.09
N ASP B 185 -8.23 -23.89 4.73
CA ASP B 185 -6.83 -23.74 5.10
C ASP B 185 -6.08 -22.69 4.30
N LEU B 186 -6.58 -22.29 3.13
CA LEU B 186 -5.82 -21.40 2.25
C LEU B 186 -6.06 -19.93 2.56
N ALA B 187 -7.30 -19.57 2.90
CA ALA B 187 -7.61 -18.17 3.17
C ALA B 187 -6.78 -17.59 4.30
N PRO B 188 -6.65 -18.25 5.46
CA PRO B 188 -5.78 -17.68 6.51
C PRO B 188 -4.35 -17.50 6.06
N LYS B 189 -3.81 -18.41 5.25
CA LYS B 189 -2.44 -18.25 4.81
C LYS B 189 -2.29 -17.04 3.90
N ILE B 190 -3.21 -16.88 2.95
CA ILE B 190 -3.14 -15.73 2.06
C ILE B 190 -3.33 -14.44 2.85
N TYR B 191 -4.34 -14.42 3.73
CA TYR B 191 -4.65 -13.20 4.45
C TYR B 191 -3.51 -12.80 5.36
N HIS B 192 -2.90 -13.75 6.06
CA HIS B 192 -1.86 -13.35 6.98
C HIS B 192 -0.54 -13.05 6.27
N SER B 193 -0.27 -13.67 5.12
CA SER B 193 0.84 -13.20 4.31
C SER B 193 0.63 -11.73 3.92
N CYS B 194 -0.58 -11.40 3.42
CA CYS B 194 -0.84 -10.01 3.03
C CYS B 194 -0.77 -9.08 4.22
N PHE B 195 -1.27 -9.52 5.38
CA PHE B 195 -1.28 -8.66 6.55
C PHE B 195 0.13 -8.35 7.00
N PHE B 196 1.01 -9.34 6.98
CA PHE B 196 2.40 -9.13 7.36
C PHE B 196 3.10 -8.20 6.37
N ILE B 197 2.87 -8.41 5.07
CA ILE B 197 3.57 -7.58 4.07
C ILE B 197 3.08 -6.14 4.15
N VAL B 198 1.78 -5.94 4.37
CA VAL B 198 1.21 -4.61 4.25
C VAL B 198 1.37 -3.79 5.53
N THR B 199 1.25 -4.41 6.70
CA THR B 199 1.38 -3.68 7.95
C THR B 199 2.77 -3.70 8.55
N TYR B 200 3.71 -4.44 7.97
CA TYR B 200 5.02 -4.51 8.59
C TYR B 200 6.17 -4.46 7.58
N LEU B 201 6.32 -5.50 6.77
CA LEU B 201 7.56 -5.65 6.01
C LEU B 201 7.72 -4.54 4.97
N ALA B 202 6.73 -4.37 4.09
CA ALA B 202 6.88 -3.38 3.04
C ALA B 202 7.02 -1.95 3.56
N PRO B 203 6.12 -1.43 4.40
CA PRO B 203 6.31 -0.05 4.88
C PRO B 203 7.60 0.16 5.64
N LEU B 204 8.02 -0.81 6.45
CA LEU B 204 9.25 -0.64 7.22
C LEU B 204 10.49 -0.73 6.33
N GLY B 205 10.47 -1.57 5.30
CA GLY B 205 11.59 -1.60 4.38
C GLY B 205 11.69 -0.33 3.55
N LEU B 206 10.54 0.17 3.08
CA LEU B 206 10.57 1.44 2.36
C LEU B 206 11.03 2.58 3.27
N MET B 207 10.59 2.55 4.54
CA MET B 207 11.03 3.56 5.49
C MET B 207 12.52 3.47 5.78
N ALA B 208 13.04 2.24 5.87
CA ALA B 208 14.47 2.08 6.10
C ALA B 208 15.27 2.65 4.95
N MET B 209 14.85 2.37 3.72
CA MET B 209 15.58 2.90 2.57
C MET B 209 15.45 4.42 2.49
N ALA B 210 14.28 4.95 2.81
CA ALA B 210 14.09 6.40 2.78
C ALA B 210 15.01 7.08 3.78
N TYR B 211 15.07 6.55 5.00
CA TYR B 211 15.93 7.16 6.02
C TYR B 211 17.41 6.92 5.73
N PHE B 212 17.76 5.83 5.02
CA PHE B 212 19.14 5.70 4.59
C PHE B 212 19.53 6.82 3.64
N GLN B 213 18.64 7.13 2.68
CA GLN B 213 18.93 8.24 1.78
C GLN B 213 18.96 9.58 2.53
N ILE B 214 18.05 9.75 3.50
CA ILE B 214 18.03 11.00 4.27
C ILE B 214 19.32 11.14 5.07
N PHE B 215 19.85 10.04 5.57
CA PHE B 215 21.11 10.07 6.32
C PHE B 215 22.27 10.42 5.40
N ARG B 216 22.30 9.83 4.21
CA ARG B 216 23.36 10.18 3.27
C ARG B 216 23.31 11.66 2.91
N LYS B 217 22.10 12.23 2.83
CA LYS B 217 21.99 13.64 2.46
C LYS B 217 22.36 14.57 3.60
N LEU B 218 21.90 14.27 4.83
CA LEU B 218 22.11 15.20 5.93
C LEU B 218 23.52 15.10 6.52
N TRP B 219 24.05 13.89 6.68
CA TRP B 219 25.37 13.73 7.26
C TRP B 219 26.48 13.55 6.23
N GLY B 220 26.14 13.56 4.94
CA GLY B 220 27.15 13.62 3.91
C GLY B 220 27.64 15.04 3.67
N ARG B 221 28.74 15.15 2.94
CA ARG B 221 29.26 16.47 2.58
C ARG B 221 28.26 17.19 1.68
N GLN B 222 28.15 18.50 1.87
CA GLN B 222 27.20 19.32 1.13
C GLN B 222 27.93 20.19 0.11
N ILE B 223 27.15 20.99 -0.61
CA ILE B 223 27.65 21.79 -1.73
C ILE B 223 28.67 22.81 -1.22
N PRO B 224 29.70 23.12 -1.99
CA PRO B 224 30.77 24.01 -1.48
C PRO B 224 30.29 25.37 -1.03
N GLY B 225 29.25 25.93 -1.66
CA GLY B 225 28.79 27.26 -1.29
C GLY B 225 27.52 27.29 -0.47
N THR B 226 27.49 26.55 0.64
CA THR B 226 26.31 26.50 1.49
C THR B 226 26.09 27.83 2.22
N THR B 227 24.82 28.23 2.31
CA THR B 227 24.40 29.42 3.04
C THR B 227 24.22 29.12 4.53
N SER B 228 24.31 30.17 5.35
CA SER B 228 24.11 30.01 6.78
C SER B 228 22.70 29.55 7.10
N ALA B 261 21.71 30.03 6.35
CA ALA B 261 20.34 29.63 6.60
C ALA B 261 20.17 28.12 6.42
N GLU B 262 20.73 27.58 5.35
CA GLU B 262 20.63 26.14 5.13
C GLU B 262 21.48 25.34 6.11
N VAL B 263 22.54 25.92 6.68
CA VAL B 263 23.29 25.21 7.70
C VAL B 263 22.46 25.07 8.98
N LYS B 264 21.79 26.15 9.39
CA LYS B 264 20.90 26.05 10.55
C LYS B 264 19.75 25.07 10.25
N GLN B 265 19.26 25.10 9.01
CA GLN B 265 18.22 24.17 8.59
C GLN B 265 18.69 22.73 8.71
N MET B 266 19.94 22.46 8.28
CA MET B 266 20.48 21.11 8.33
C MET B 266 20.67 20.62 9.76
N ARG B 267 21.11 21.51 10.68
CA ARG B 267 21.29 21.06 12.05
C ARG B 267 19.95 20.70 12.70
N ALA B 268 18.92 21.53 12.48
CA ALA B 268 17.61 21.19 13.03
C ALA B 268 17.08 19.90 12.42
N ARG B 269 17.25 19.73 11.10
CA ARG B 269 16.78 18.50 10.46
C ARG B 269 17.55 17.29 10.94
N ARG B 270 18.83 17.45 11.30
CA ARG B 270 19.56 16.32 11.87
C ARG B 270 18.96 15.88 13.18
N LYS B 271 18.64 16.84 14.06
CA LYS B 271 17.99 16.45 15.31
C LYS B 271 16.70 15.68 15.03
N THR B 272 15.84 16.24 14.18
CA THR B 272 14.54 15.60 13.96
C THR B 272 14.68 14.23 13.31
N ALA B 273 15.57 14.12 12.31
CA ALA B 273 15.73 12.84 11.60
C ALA B 273 16.32 11.77 12.50
N LYS B 274 17.24 12.14 13.41
CA LYS B 274 17.73 11.15 14.36
C LYS B 274 16.59 10.62 15.22
N MET B 275 15.72 11.54 15.69
CA MET B 275 14.61 11.10 16.52
C MET B 275 13.69 10.16 15.75
N LEU B 276 13.35 10.51 14.52
CA LEU B 276 12.43 9.68 13.75
C LEU B 276 13.04 8.32 13.39
N MET B 277 14.35 8.27 13.12
CA MET B 277 14.98 6.98 12.88
C MET B 277 14.91 6.11 14.13
N VAL B 278 15.09 6.69 15.31
CA VAL B 278 14.97 5.89 16.53
C VAL B 278 13.54 5.39 16.69
N VAL B 279 12.55 6.23 16.38
CA VAL B 279 11.16 5.80 16.54
C VAL B 279 10.86 4.64 15.61
N VAL B 280 11.31 4.73 14.36
CA VAL B 280 11.02 3.66 13.41
C VAL B 280 11.73 2.38 13.80
N LEU B 281 12.97 2.49 14.30
CA LEU B 281 13.69 1.29 14.70
C LEU B 281 13.02 0.61 15.89
N VAL B 282 12.60 1.40 16.88
CA VAL B 282 11.92 0.81 18.04
C VAL B 282 10.60 0.20 17.63
N PHE B 283 9.90 0.80 16.66
CA PHE B 283 8.65 0.23 16.19
C PHE B 283 8.88 -1.10 15.49
N ALA B 284 9.90 -1.16 14.62
CA ALA B 284 10.23 -2.41 13.95
C ALA B 284 10.58 -3.49 14.96
N LEU B 285 11.34 -3.14 15.99
CA LEU B 285 11.72 -4.13 16.98
C LEU B 285 10.53 -4.59 17.81
N CYS B 286 9.67 -3.66 18.23
CA CYS B 286 8.52 -4.04 19.06
C CYS B 286 7.54 -4.92 18.29
N TYR B 287 7.37 -4.68 16.99
CA TYR B 287 6.39 -5.46 16.24
C TYR B 287 6.98 -6.68 15.53
N LEU B 288 8.30 -6.84 15.50
CA LEU B 288 8.86 -8.04 14.87
C LEU B 288 8.39 -9.34 15.51
N PRO B 289 8.48 -9.52 16.84
CA PRO B 289 8.16 -10.84 17.40
C PRO B 289 6.74 -11.32 17.10
N ILE B 290 5.75 -10.44 17.22
CA ILE B 290 4.37 -10.89 17.04
C ILE B 290 4.06 -11.08 15.57
N SER B 291 4.61 -10.22 14.70
CA SER B 291 4.44 -10.40 13.27
C SER B 291 5.01 -11.74 12.82
N VAL B 292 6.25 -12.03 13.24
CA VAL B 292 6.88 -13.28 12.86
C VAL B 292 6.11 -14.47 13.42
N LEU B 293 5.69 -14.38 14.69
CA LEU B 293 4.99 -15.51 15.29
C LEU B 293 3.67 -15.78 14.58
N ASN B 294 2.93 -14.72 14.23
CA ASN B 294 1.65 -14.94 13.56
C ASN B 294 1.83 -15.43 12.13
N VAL B 295 2.90 -15.02 11.44
CA VAL B 295 3.16 -15.61 10.14
C VAL B 295 3.49 -17.09 10.29
N LEU B 296 4.30 -17.44 11.30
CA LEU B 296 4.65 -18.84 11.51
C LEU B 296 3.43 -19.68 11.88
N LYS B 297 2.48 -19.10 12.60
CA LYS B 297 1.29 -19.83 13.02
C LYS B 297 0.28 -19.95 11.88
N ARG B 298 -0.02 -18.83 11.22
CA ARG B 298 -1.13 -18.78 10.27
C ARG B 298 -0.73 -19.27 8.88
N VAL B 299 0.51 -19.02 8.47
CA VAL B 299 0.96 -19.37 7.13
C VAL B 299 1.70 -20.70 7.12
N PHE B 300 2.47 -20.98 8.17
CA PHE B 300 3.26 -22.20 8.23
C PHE B 300 2.69 -23.26 9.17
N GLY B 301 1.55 -22.99 9.80
CA GLY B 301 0.91 -24.00 10.61
C GLY B 301 1.73 -24.49 11.78
N MET B 302 2.63 -23.65 12.29
CA MET B 302 3.45 -24.00 13.44
C MET B 302 2.70 -23.79 14.74
N PHE B 303 3.24 -24.38 15.81
CA PHE B 303 2.78 -24.23 17.19
C PHE B 303 1.51 -25.02 17.48
N ARG B 304 1.07 -25.89 16.58
CA ARG B 304 -0.15 -26.66 16.83
C ARG B 304 0.05 -27.79 17.84
N GLN B 305 1.28 -28.26 18.02
CA GLN B 305 1.53 -29.39 18.91
C GLN B 305 1.55 -28.98 20.37
N ARG B 309 3.84 -26.29 24.85
CA ARG B 309 2.83 -25.25 24.86
C ARG B 309 3.25 -24.07 25.73
N GLU B 310 3.99 -24.36 26.80
CA GLU B 310 4.38 -23.32 27.74
C GLU B 310 5.27 -22.27 27.07
N ALA B 311 6.30 -22.71 26.35
CA ALA B 311 7.17 -21.76 25.68
C ALA B 311 6.43 -20.97 24.62
N VAL B 312 5.47 -21.60 23.93
CA VAL B 312 4.73 -20.90 22.89
C VAL B 312 3.90 -19.78 23.47
N TYR B 313 3.13 -20.09 24.53
CA TYR B 313 2.34 -19.06 25.17
C TYR B 313 3.21 -17.98 25.81
N ALA B 314 4.38 -18.36 26.34
CA ALA B 314 5.27 -17.33 26.87
C ALA B 314 5.71 -16.38 25.76
N ALA B 315 6.06 -16.92 24.60
CA ALA B 315 6.50 -16.07 23.49
C ALA B 315 5.38 -15.16 23.00
N PHE B 316 4.18 -15.72 22.81
CA PHE B 316 3.07 -14.92 22.33
C PHE B 316 2.67 -13.85 23.35
N THR B 317 2.73 -14.19 24.64
CA THR B 317 2.39 -13.23 25.68
C THR B 317 3.38 -12.07 25.68
N PHE B 318 4.68 -12.39 25.62
CA PHE B 318 5.68 -11.34 25.59
C PHE B 318 5.54 -10.48 24.34
N SER B 319 5.16 -11.10 23.21
CA SER B 319 5.06 -10.32 21.98
C SER B 319 3.88 -9.35 22.04
N HIS B 320 2.75 -9.80 22.59
CA HIS B 320 1.62 -8.90 22.77
C HIS B 320 2.01 -7.73 23.68
N TRP B 321 2.69 -8.04 24.78
CA TRP B 321 3.07 -6.98 25.69
C TRP B 321 4.03 -6.00 25.02
N LEU B 322 4.91 -6.51 24.15
CA LEU B 322 5.87 -5.64 23.47
C LEU B 322 5.15 -4.68 22.54
N VAL B 323 4.13 -5.17 21.84
CA VAL B 323 3.31 -4.29 21.02
C VAL B 323 2.77 -3.16 21.88
N TYR B 324 2.23 -3.48 23.05
CA TYR B 324 1.70 -2.39 23.88
C TYR B 324 2.81 -1.51 24.43
N ALA B 325 4.00 -2.05 24.62
CA ALA B 325 5.11 -1.27 25.16
C ALA B 325 5.53 -0.16 24.21
N ASN B 326 5.35 -0.37 22.90
CA ASN B 326 5.78 0.68 21.97
C ASN B 326 5.06 2.01 22.21
N SER B 327 3.79 1.96 22.63
CA SER B 327 3.03 3.18 22.88
C SER B 327 3.58 3.96 24.08
N ALA B 328 4.15 3.26 25.05
CA ALA B 328 4.83 3.95 26.15
C ALA B 328 6.22 4.40 25.75
N ALA B 329 6.86 3.68 24.83
CA ALA B 329 8.22 4.06 24.43
C ALA B 329 8.25 5.37 23.66
N ASN B 330 7.30 5.58 22.75
CA ASN B 330 7.43 6.73 21.86
C ASN B 330 7.55 8.07 22.60
N PRO B 331 6.69 8.41 23.55
CA PRO B 331 6.87 9.68 24.28
C PRO B 331 8.22 9.79 24.99
N ILE B 332 8.74 8.68 25.54
CA ILE B 332 10.05 8.73 26.17
C ILE B 332 11.13 9.07 25.15
N ILE B 333 11.00 8.52 23.94
CA ILE B 333 11.94 8.83 22.89
C ILE B 333 11.87 10.32 22.57
N TYR B 334 10.65 10.87 22.50
CA TYR B 334 10.53 12.30 22.22
C TYR B 334 11.15 13.12 23.35
N ASN B 335 11.00 12.66 24.58
CA ASN B 335 11.55 13.41 25.72
C ASN B 335 13.08 13.45 25.67
N PHE B 336 13.72 12.39 25.19
CA PHE B 336 15.17 12.40 25.19
C PHE B 336 15.79 12.94 23.91
N LEU B 337 15.13 12.78 22.77
CA LEU B 337 15.71 13.18 21.49
C LEU B 337 15.13 14.47 20.92
N SER B 338 14.23 15.14 21.65
CA SER B 338 13.65 16.40 21.18
C SER B 338 13.58 17.37 22.35
N GLY B 339 14.32 18.49 22.26
CA GLY B 339 14.34 19.44 23.35
C GLY B 339 13.03 20.19 23.52
N LYS B 340 12.28 20.39 22.43
CA LYS B 340 10.99 21.07 22.55
C LYS B 340 9.96 20.20 23.27
N PHE B 341 9.89 18.92 22.89
CA PHE B 341 9.06 17.99 23.64
C PHE B 341 9.52 17.88 25.08
N ARG B 342 10.83 17.91 25.30
CA ARG B 342 11.36 17.78 26.66
C ARG B 342 10.97 18.98 27.51
N GLU B 343 10.96 20.17 26.92
CA GLU B 343 10.52 21.35 27.66
C GLU B 343 9.03 21.29 27.98
N GLN B 344 8.21 20.87 27.00
CA GLN B 344 6.78 20.79 27.27
C GLN B 344 6.47 19.75 28.35
N PHE B 345 7.21 18.63 28.34
CA PHE B 345 7.02 17.61 29.37
C PHE B 345 7.48 18.11 30.74
N LYS B 346 8.60 18.84 30.78
CA LYS B 346 9.06 19.39 32.05
C LYS B 346 8.03 20.36 32.61
N ALA B 347 7.43 21.17 31.74
CA ALA B 347 6.38 22.08 32.19
C ALA B 347 5.16 21.31 32.66
N ALA B 348 4.82 20.20 32.01
CA ALA B 348 3.69 19.41 32.45
C ALA B 348 3.94 18.86 33.85
N PHE B 349 5.12 18.28 34.06
CA PHE B 349 5.42 17.69 35.37
C PHE B 349 5.47 18.76 36.46
N SER B 350 5.99 19.95 36.14
CA SER B 350 6.06 20.99 37.17
C SER B 350 4.69 21.56 37.48
N TRP B 351 3.92 21.94 36.44
CA TRP B 351 2.62 22.55 36.66
C TRP B 351 1.63 21.57 37.27
N TRP B 352 1.77 20.27 37.00
CA TRP B 352 0.77 19.32 37.49
C TRP B 352 1.19 18.71 38.83
N LEU B 353 2.14 17.78 38.83
CA LEU B 353 2.57 17.09 40.04
C LEU B 353 4.06 17.28 40.27
N PRO B 354 4.49 17.80 41.44
CA PRO B 354 5.92 18.01 41.73
C PRO B 354 6.68 16.69 41.95
C01 NV8 C . 7.90 -6.72 -11.88
C02 NV8 C . 10.31 -2.50 -18.66
C03 NV8 C . 10.99 -2.49 -19.87
C04 NV8 C . 10.45 -1.77 -20.91
C05 NV8 C . 9.25 -1.07 -20.76
C06 NV8 C . 8.56 -1.05 -19.56
C07 NV8 C . 9.12 -1.79 -18.53
C08 NV8 C . 5.27 -5.87 -14.09
C09 NV8 C . 4.60 -6.58 -13.10
C10 NV8 C . 3.29 -6.26 -12.78
C11 NV8 C . 2.67 -5.21 -13.44
C12 NV8 C . 8.11 -5.74 -10.76
C13 NV8 C . 3.34 -4.50 -14.43
C14 NV8 C . 4.64 -4.83 -14.75
C15 NV8 C . 9.01 -4.68 -11.35
C16 NV8 C . 8.75 -4.62 -12.87
C17 NV8 C . 10.09 -4.76 -13.59
C18 NV8 C . 10.06 -4.40 -15.07
C19 NV8 C . 8.17 -2.92 -14.76
C20 NV8 C . 8.10 -3.28 -13.26
C21 NV8 C . 9.60 -2.75 -16.71
N01 NV8 C . 7.90 -5.84 -13.07
N02 NV8 C . 9.46 -3.12 -15.41
N03 NV8 C . 10.60 -3.11 -17.49
O01 NV8 C . 6.92 -7.77 -14.51
O02 NV8 C . 7.31 -5.60 -15.68
O03 NV8 C . 8.67 -1.95 -17.28
S01 NV8 C . 6.94 -6.32 -14.49
H01 NV8 C . 7.06 -7.21 -11.76
H02 NV8 C . 8.65 -7.33 -11.90
H09 NV8 C . 11.78 -2.97 -19.96
H10 NV8 C . 10.87 -1.75 -21.73
H11 NV8 C . 8.93 -0.58 -21.49
H12 NV8 C . 7.77 -0.58 -19.45
H13 NV8 C . 5.02 -7.28 -12.66
H14 NV8 C . 2.84 -6.72 -12.12
H15 NV8 C . 1.79 -4.99 -13.23
H03 NV8 C . 7.26 -5.36 -10.48
H18 NV8 C . 8.50 -6.16 -9.97
H16 NV8 C . 2.91 -3.80 -14.87
H17 NV8 C . 5.09 -4.35 -15.41
H19 NV8 C . 9.92 -4.95 -11.17
H20 NV8 C . 8.91 -3.83 -10.90
H22 NV8 C . 10.42 -5.67 -13.50
H21 NV8 C . 10.77 -4.20 -13.18
H23 NV8 C . 9.66 -5.11 -15.60
H04 NV8 C . 10.99 -4.38 -15.36
H06 NV8 C . 7.95 -1.97 -14.82
H05 NV8 C . 7.49 -3.37 -15.28
H08 NV8 C . 8.51 -2.54 -12.80
H07 NV8 C . 7.17 -3.26 -12.96
S SO4 D . -22.53 10.25 -4.42
O1 SO4 D . -22.42 10.36 -2.97
O2 SO4 D . -21.26 10.65 -5.04
O3 SO4 D . -23.59 11.12 -4.91
O4 SO4 D . -22.84 8.86 -4.78
S SO4 E . -24.29 8.05 -16.61
O1 SO4 E . -23.84 8.09 -15.22
O2 SO4 E . -23.35 8.78 -17.45
O3 SO4 E . -25.62 8.67 -16.70
O4 SO4 E . -24.38 6.67 -17.06
CAD PGW F . -19.80 -14.53 4.31
OAE PGW F . -19.42 -15.46 3.28
OAF PGW F . -19.08 -12.82 2.79
P PGW F . -20.21 -9.54 4.86
C01 PGW F . -16.08 -10.71 4.49
C1 PGW F . -15.72 -7.07 4.04
O01 PGW F . -16.04 -8.43 3.65
C02 PGW F . -16.27 -9.24 4.81
C2 PGW F . -15.32 -6.04 3.01
O02 PGW F . -15.77 -6.77 5.21
C03 PGW F . -17.68 -8.96 5.33
C3 PGW F . -14.09 -5.32 3.56
O03 PGW F . -14.71 -11.05 4.66
C04 PGW F . -20.24 -12.15 4.78
C4 PGW F . -14.32 -3.81 3.64
O04 PGW F . -15.08 -13.34 4.82
C05 PGW F . -20.13 -13.19 3.68
C5 PGW F . -14.13 -3.16 2.28
C06 PGW F . -9.03 0.22 -0.08
C6 PGW F . -12.73 -2.59 2.13
C07 PGW F . -7.62 -0.25 -0.44
C7 PGW F . -12.80 -1.14 1.64
C08 PGW F . -6.55 0.62 0.22
C8 PGW F . -11.43 -0.65 1.23
C09 PGW F . -5.21 0.52 -0.52
C9 PGW F . -11.15 -1.04 -0.19
C10 PGW F . -10.04 -0.63 -0.80
C11 PGW F . -4.46 -0.76 -0.18
O11 PGW F . -18.63 -9.79 4.67
C12 PGW F . -3.00 -0.44 0.13
O12 PGW F . -20.81 -10.93 4.31
C13 PGW F . -2.24 -1.66 0.62
O13 PGW F . -20.48 -9.46 6.34
C14 PGW F . -1.90 -2.58 -0.53
O14 PGW F . -20.62 -8.42 3.95
C15 PGW F . -7.38 -10.52 0.13
C16 PGW F . -6.70 -9.23 0.55
C17 PGW F . -6.47 -9.16 2.05
C18 PGW F . -5.64 -7.93 2.42
C19 PGW F . -14.31 -12.41 5.01
C20 PGW F . -12.96 -12.66 5.63
C21 PGW F . -11.84 -12.12 4.75
C22 PGW F . -11.11 -13.25 4.05
C23 PGW F . -10.01 -12.71 3.14
C24 PGW F . -9.31 -13.84 2.41
C25 PGW F . -8.47 -13.30 1.26
C26 PGW F . -7.33 -12.42 1.77
C27 PGW F . -6.61 -11.74 0.61
C28 PGW F . -5.54 -7.73 3.93
C29 PGW F . -4.75 -6.15 5.74
C30 PGW F . -4.70 -6.50 4.26
C1 SOG G . 12.11 -20.01 -35.46
C2 SOG G . 12.32 -21.43 -34.96
C3 SOG G . 13.81 -21.74 -34.99
C4 SOG G . 14.34 -21.50 -36.40
C5 SOG G . 13.98 -20.11 -36.91
C6 SOG G . 14.44 -19.96 -38.36
C1' SOG G . 10.68 -18.25 -34.17
C2' SOG G . 9.57 -17.23 -34.22
C3' SOG G . 9.91 -16.07 -33.29
C4' SOG G . 9.20 -14.79 -33.71
C5' SOG G . 10.21 -13.68 -33.96
C6' SOG G . 9.54 -12.40 -34.42
C7' SOG G . 9.62 -11.32 -33.35
C8' SOG G . 9.13 -10.00 -33.88
S1 SOG G . 10.41 -19.56 -35.31
O2 SOG G . 11.84 -21.53 -33.60
O3 SOG G . 14.02 -23.10 -34.60
O4 SOG G . 15.76 -21.64 -36.38
O5 SOG G . 12.57 -19.90 -36.82
O6 SOG G . 14.14 -18.65 -38.86
C1 SOG H . -5.63 13.00 1.16
C2 SOG H . -6.52 14.12 1.70
C3 SOG H . -6.10 15.48 1.14
C4 SOG H . -4.60 15.68 1.34
C5 SOG H . -3.84 14.51 0.74
C6 SOG H . -2.33 14.67 0.93
C1' SOG H . -4.68 10.48 1.41
C2' SOG H . -4.93 9.03 1.78
C3' SOG H . -4.00 8.57 2.90
C4' SOG H . -3.91 7.04 2.98
C5' SOG H . -3.14 6.49 1.79
C6' SOG H . -2.68 5.05 2.01
C7' SOG H . -1.80 4.61 0.84
C8' SOG H . -1.15 3.27 1.10
S1 SOG H . -6.00 11.50 2.00
O2 SOG H . -7.88 13.86 1.36
O3 SOG H . -6.82 16.51 1.81
O4 SOG H . -4.20 16.90 0.71
O5 SOG H . -4.26 13.32 1.39
O6 SOG H . -1.83 15.69 0.05
C1 SOG I . 11.38 -22.23 -3.67
C2 SOG I . 10.41 -22.67 -4.77
C3 SOG I . 10.81 -23.91 -5.56
C4 SOG I . 12.31 -24.08 -5.70
C5 SOG I . 12.98 -23.84 -4.36
C6 SOG I . 14.48 -24.14 -4.43
C1' SOG I . 10.31 -20.48 -1.85
C2' SOG I . 9.44 -19.23 -1.72
C3' SOG I . 10.19 -18.05 -1.10
C4' SOG I . 9.21 -16.92 -0.77
C5' SOG I . 9.86 -15.79 0.04
C6' SOG I . 8.78 -14.84 0.56
C7' SOG I . 9.35 -13.73 1.43
C8' SOG I . 8.26 -12.77 1.88
S1 SOG I . 11.14 -20.49 -3.41
O2 SOG I . 9.15 -22.94 -4.14
O3 SOG I . 10.24 -23.79 -6.87
O4 SOG I . 12.61 -25.40 -6.15
O5 SOG I . 12.76 -22.48 -4.00
O6 SOG I . 14.66 -25.52 -4.77
C1 SOG J . 14.56 -20.44 0.27
C2 SOG J . 15.58 -20.32 -0.86
C3 SOG J . 16.81 -19.50 -0.47
C4 SOG J . 17.45 -20.01 0.82
C5 SOG J . 16.48 -20.92 1.58
C6 SOG J . 16.96 -21.11 3.02
C1' SOG J . 12.11 -19.80 1.23
S1 SOG J . 13.32 -19.20 0.09
O2 SOG J . 16.00 -21.62 -1.27
O3 SOG J . 16.46 -18.11 -0.31
O4 SOG J . 18.63 -20.74 0.51
O5 SOG J . 15.18 -20.34 1.55
O6 SOG J . 16.70 -22.46 3.45
C1 SOG K . -15.90 14.76 11.84
C2 SOG K . -14.51 14.71 12.48
C3 SOG K . -13.70 15.91 12.00
C4 SOG K . -13.66 15.94 10.49
C5 SOG K . -15.06 15.86 9.90
C6 SOG K . -15.00 15.75 8.37
C1' SOG K . -18.48 14.04 12.20
C2' SOG K . -19.49 13.05 12.77
S1 SOG K . -16.86 13.39 12.39
O2 SOG K . -14.63 14.73 13.90
O3 SOG K . -12.37 15.82 12.53
O4 SOG K . -13.03 17.14 10.05
O5 SOG K . -15.77 14.73 10.42
O6 SOG K . -13.99 16.64 7.88
C1 SOG L . 14.40 -8.46 -19.63
C2 SOG L . 14.37 -9.94 -20.00
C3 SOG L . 15.52 -10.36 -20.92
C4 SOG L . 15.67 -9.37 -22.07
C5 SOG L . 15.76 -7.96 -21.50
C6 SOG L . 16.01 -6.94 -22.61
C1' SOG L . 12.22 -6.81 -19.85
C2' SOG L . 10.71 -7.00 -19.91
C3' SOG L . 9.93 -5.73 -20.26
C4' SOG L . 8.69 -5.64 -19.37
C5' SOG L . 7.64 -4.67 -19.91
C6' SOG L . 6.48 -4.58 -18.91
C7' SOG L . 5.24 -3.95 -19.54
C8' SOG L . 4.07 -4.03 -18.59
S1 SOG L . 12.87 -8.09 -18.83
O2 SOG L . 14.41 -10.74 -18.80
O3 SOG L . 15.28 -11.66 -21.44
O4 SOG L . 16.85 -9.66 -22.82
O5 SOG L . 14.54 -7.66 -20.82
O6 SOG L . 16.62 -5.77 -22.05
C1' SOG M . 20.29 -5.29 -2.88
C2' SOG M . 20.83 -5.04 -4.28
C3' SOG M . 20.94 -3.55 -4.57
C4' SOG M . 21.59 -3.32 -5.93
S1 SOG M . 20.33 -7.02 -2.55
C5' SOG N . 13.63 -15.89 -18.29
C6' SOG N . 12.45 -14.91 -18.24
C7' SOG N . 12.59 -13.81 -19.28
C8' SOG N . 11.56 -12.73 -19.07
NA NA O . -3.77 0.07 -16.48
C01 NV8 P . -2.87 -11.17 13.30
C02 NV8 P . -7.08 -9.42 20.25
C03 NV8 P . -7.56 -9.89 21.46
C04 NV8 P . -7.58 -9.01 22.53
C05 NV8 P . -7.12 -7.70 22.41
C06 NV8 P . -6.63 -7.22 21.21
C07 NV8 P . -6.63 -8.10 20.16
C08 NV8 P . -1.12 -8.91 15.35
C09 NV8 P . -0.05 -9.15 14.49
C10 NV8 P . 0.75 -8.11 14.06
C11 NV8 P . 0.47 -6.82 14.50
C12 NV8 P . -3.49 -10.30 12.23
C13 NV8 P . -0.60 -6.57 15.35
C14 NV8 P . -1.40 -7.62 15.76
C15 NV8 P . -4.78 -9.81 12.84
C16 NV8 P . -4.62 -9.82 14.39
C17 NV8 P . -5.68 -10.74 15.02
C18 NV8 P . -5.86 -10.58 16.52
C19 NV8 P . -5.17 -8.25 16.41
C20 NV8 P . -4.77 -8.38 14.93
C21 NV8 P . -6.44 -9.10 18.29
N01 NV8 P . -3.25 -10.42 14.52
N02 NV8 P . -6.11 -9.22 16.98
N03 NV8 P . -6.95 -10.03 19.05
O01 NV8 P . -1.24 -11.43 15.92
O02 NV8 P . -2.84 -9.86 17.07
O03 NV8 P . -6.20 -7.91 18.90
S01 NV8 P . -2.13 -10.29 15.87
H01 NV8 P . -1.91 -11.24 13.18
H02 NV8 P . -3.29 -12.04 13.29
H09 NV8 P . -7.88 -10.77 21.53
H10 NV8 P . -7.90 -9.30 23.35
H11 NV8 P . -7.14 -7.15 23.15
H12 NV8 P . -6.32 -6.35 21.12
H13 NV8 P . 0.13 -10.02 14.20
H14 NV8 P . 1.47 -8.26 13.50
H15 NV8 P . 1.00 -6.11 14.21
H03 NV8 P . -2.91 -9.56 12.02
H18 NV8 P . -3.63 -10.79 11.40
H16 NV8 P . -0.78 -5.71 15.63
H17 NV8 P . -2.11 -7.45 16.35
H19 NV8 P . -5.48 -10.43 12.59
H20 NV8 P . -5.05 -8.96 12.49
H22 NV8 P . -5.45 -11.66 14.83
H21 NV8 P . -6.54 -10.59 14.61
H23 NV8 P . -5.11 -10.97 17.01
H04 NV8 P . -6.62 -11.13 16.76
H06 NV8 P . -5.57 -7.37 16.50
H05 NV8 P . -4.39 -8.21 16.99
H08 NV8 P . -5.47 -7.91 14.43
H07 NV8 P . -3.98 -7.86 14.75
S SO4 Q . 11.60 21.41 6.82
O1 SO4 Q . 12.64 20.50 7.26
O2 SO4 Q . 11.86 22.75 7.33
O3 SO4 Q . 11.58 21.44 5.36
O4 SO4 Q . 10.30 20.94 7.31
S SO4 R . 14.51 19.88 18.97
O1 SO4 R . 15.11 21.20 18.77
O2 SO4 R . 14.00 19.78 20.34
O3 SO4 R . 13.40 19.71 18.03
O4 SO4 R . 15.52 18.85 18.76
CAD PGW S . 20.54 4.91 -7.41
OAE PGW S . 19.95 5.03 -8.72
OAF PGW S . 18.77 5.90 -6.09
P PGW S . 21.37 4.93 -2.92
C01 PGW S . 18.90 1.03 -2.10
C1 PGW S . 16.52 3.52 -2.25
O01 PGW S . 17.53 2.92 -1.40
C02 PGW S . 18.70 2.54 -2.14
C2 PGW S . 15.58 4.57 -1.74
O02 PGW S . 16.46 3.14 -3.42
C03 PGW S . 19.95 3.19 -1.58
C3 PGW S . 14.16 4.03 -1.64
O03 PGW S . 17.94 0.40 -2.94
C04 PGW S . 20.07 4.12 -5.09
C4 PGW S . 13.14 5.18 -1.65
O04 PGW S . 19.48 -0.98 -3.96
C05 PGW S . 19.45 4.67 -6.37
C5 PGW S . 12.28 5.24 -0.39
C06 PGW S . 6.34 5.15 1.86
C6 PGW S . 10.99 6.02 -0.66
C07 PGW S . 5.60 3.95 2.46
C7 PGW S . 10.33 6.51 0.62
C08 PGW S . 4.33 3.61 1.67
C8 PGW S . 8.99 5.82 0.86
C09 PGW S . 3.50 2.57 2.42
C9 PGW S . 8.66 5.86 2.33
C10 PGW S . 7.45 5.56 2.80
C11 PGW S . 2.27 2.16 1.61
O11 PGW S . 20.06 4.52 -2.06
C12 PGW S . 2.54 0.91 0.78
O12 PGW S . 20.77 5.16 -4.40
C13 PGW S . 2.65 -0.33 1.67
O13 PGW S . 21.86 6.26 -2.39
C14 PGW S . 1.30 -0.98 1.86
O14 PGW S . 22.30 3.74 -2.93
C15 PGW S . 10.83 -4.36 1.39
C16 PGW S . 10.54 -3.49 0.18
C17 PGW S . 9.06 -3.33 -0.13
C18 PGW S . 8.89 -2.98 -1.60
C19 PGW S . 18.31 -0.83 -3.63
C20 PGW S . 17.27 -1.88 -3.90
C21 PGW S . 16.81 -2.43 -2.55
C22 PGW S . 15.68 -3.45 -2.71
C23 PGW S . 15.55 -4.26 -1.43
C24 PGW S . 14.21 -4.99 -1.36
C25 PGW S . 14.08 -5.76 -0.05
C26 PGW S . 12.61 -5.81 0.38
C27 PGW S . 12.30 -4.75 1.43
C28 PGW S . 7.44 -2.71 -2.00
C29 PGW S . 6.01 -1.75 -3.84
C30 PGW S . 7.36 -2.33 -3.47
C1 SOG T . 4.34 15.11 0.73
C2 SOG T . 3.87 13.98 1.63
C3 SOG T . 2.72 13.19 1.01
C4 SOG T . 1.63 14.14 0.54
C5 SOG T . 2.25 15.15 -0.42
C6 SOG T . 1.16 16.09 -0.94
C1' SOG T . 6.47 16.85 0.48
C2' SOG T . 7.59 17.60 1.19
S1 SOG T . 5.42 16.12 1.70
O2 SOG T . 4.96 13.09 1.88
O3 SOG T . 2.18 12.30 1.99
O4 SOG T . 0.59 13.41 -0.10
O5 SOG T . 3.25 15.91 0.25
O6 SOG T . 0.03 15.32 -1.36
C1 SOG U . -21.17 -5.55 27.40
C2 SOG U . -21.28 -7.04 27.15
C3 SOG U . -21.03 -7.78 28.46
C4 SOG U . -19.68 -7.38 29.02
C5 SOG U . -19.56 -5.86 29.12
C6 SOG U . -18.15 -5.47 29.57
C1' SOG U . -21.68 -3.03 26.53
S1 SOG U . -21.50 -4.67 25.90
O2 SOG U . -22.57 -7.37 26.63
O3 SOG U . -21.07 -9.19 28.23
O4 SOG U . -19.50 -7.97 30.32
O5 SOG U . -19.85 -5.24 27.87
O6 SOG U . -18.03 -4.05 29.65
C1' SOG V . -14.95 -16.30 6.08
C2' SOG V . -15.07 -16.84 7.50
C3' SOG V . -16.13 -16.09 8.30
C4' SOG V . -16.18 -16.58 9.74
S1 SOG V . -13.72 -17.21 5.22
C1 SOG W . 24.36 4.14 9.09
C2 SOG W . 25.58 3.80 8.22
C3 SOG W . 26.77 3.48 9.12
C4 SOG W . 27.05 4.67 10.04
C5 SOG W . 25.79 5.09 10.79
C6 SOG W . 26.04 6.37 11.59
C1' SOG W . 21.60 4.43 9.24
C2' SOG W . 20.24 4.52 8.54
C3' SOG W . 19.11 4.05 9.45
C4' SOG W . 17.73 4.12 8.79
C5' SOG W . 16.61 3.75 9.76
C6' SOG W . 16.52 2.25 10.02
C7' SOG W . 15.21 1.88 10.73
C8' SOG W . 15.00 0.37 10.69
S1 SOG W . 22.94 4.46 8.09
O2 SOG W . 25.29 2.70 7.36
O3 SOG W . 27.91 3.18 8.32
O4 SOG W . 28.09 4.34 10.96
O5 SOG W . 24.68 5.27 9.90
O6 SOG W . 27.00 6.13 12.62
C1 SOG X . -20.00 -5.02 9.57
C2 SOG X . -19.03 -5.83 8.71
C3 SOG X . -19.12 -7.31 9.05
C4 SOG X . -18.98 -7.52 10.55
C5 SOG X . -19.96 -6.62 11.29
C6 SOG X . -19.87 -6.83 12.79
C1' SOG X . -21.02 -2.61 10.33
C2' SOG X . -20.76 -1.12 10.43
C3' SOG X . -21.85 -0.38 11.19
C4' SOG X . -21.61 1.12 11.17
C5' SOG X . -22.71 1.84 11.94
C6' SOG X . -22.57 3.35 11.90
C7' SOG X . -23.70 4.02 12.68
C8' SOG X . -23.53 5.52 12.75
S1 SOG X . -19.86 -3.31 9.19
O2 SOG X . -19.33 -5.62 7.32
O3 SOG X . -18.09 -8.03 8.36
O4 SOG X . -19.23 -8.89 10.89
O5 SOG X . -19.71 -5.26 10.94
O6 SOG X . -20.46 -8.09 13.11
#